data_2C0T
#
_entry.id   2C0T
#
_cell.length_a   48.861
_cell.length_b   72.909
_cell.length_c   180.002
_cell.angle_alpha   90.00
_cell.angle_beta   95.87
_cell.angle_gamma   90.00
#
_symmetry.space_group_name_H-M   'P 1 21 1'
#
loop_
_entity.id
_entity.type
_entity.pdbx_description
1 polymer 'TYROSINE-PROTEIN KINASE HCK'
2 non-polymer N-(4-{4-AMINO-1-[1-(TETRAHYDRO-2H-PYRAN-4-YL)PIPERIDIN-4-YL]-1H-PYRAZOLO[3,4-D]PYRIMIDIN-3-YL}-2-METHOXYPHENYL)-1-METHYL-1H-INDOLE-2-CARBOXAMIDE
3 non-polymer 'CALCIUM ION'
4 water water
#
_entity_poly.entity_id   1
_entity_poly.type   'polypeptide(L)'
_entity_poly.pdbx_seq_one_letter_code
;GAMGSGIRIIVVALYDYEAIHHEDLSFQKGDQMVVLEESGEWWKARSLATRKEGYIPSNYVARVDSLETEEWFFKGISRK
DAERQLLAPGNMLGSFMIRDSETTKGSYSLSVRDYDPRQGDTVKHYKIRTLDNGGFYISPRSTFSTLQELVDHYKKGNDG
LCQKLSVPCMSSKPQKPWEKDAWEIPRESLKLEKKLGAGQFGEVWMATYNKHTKVAVKTMKPGSMSVEAFLAEANVMKTL
QHDKLVKLHAVVTKEPIYIITEFMAKGSLLDFLKSDEGSKQPLPKLIDFSAQIAEGMAFIEQRNYIHRDLRAANILVSAS
LVCKIADFGLARVIEDNEYTAREGAKFPIKWTAPEAINFGSFTIKSDVWSFGILLMEIVTYGRIPYPGMSNPEVIRALER
GYRMPRPENCPEELYNIMMRCWKNRPEERPTFEYIQSVLDDFYTATESQ(PTR)EEIP
;
_entity_poly.pdbx_strand_id   A,B
#
loop_
_chem_comp.id
_chem_comp.type
_chem_comp.name
_chem_comp.formula
CA non-polymer 'CALCIUM ION' 'Ca 2'
L3G non-polymer N-(4-{4-AMINO-1-[1-(TETRAHYDRO-2H-PYRAN-4-YL)PIPERIDIN-4-YL]-1H-PYRAZOLO[3,4-D]PYRIMIDIN-3-YL}-2-METHOXYPHENYL)-1-METHYL-1H-INDOLE-2-CARBOXAMIDE 'C32 H36 N8 O3'
#
# COMPACT_ATOMS: atom_id res chain seq x y z
N ARG A 8 11.54 0.38 -46.56
CA ARG A 8 12.05 1.75 -46.36
C ARG A 8 11.45 2.44 -45.13
N ILE A 9 12.21 2.44 -44.04
CA ILE A 9 11.77 2.98 -42.78
C ILE A 9 12.31 4.39 -42.55
N ILE A 10 11.38 5.33 -42.43
CA ILE A 10 11.71 6.75 -42.29
C ILE A 10 11.41 7.22 -40.86
N VAL A 11 12.46 7.69 -40.19
CA VAL A 11 12.33 8.27 -38.88
C VAL A 11 12.59 9.77 -38.98
N VAL A 12 12.18 10.50 -37.94
CA VAL A 12 12.32 11.96 -37.92
C VAL A 12 12.96 12.36 -36.59
N ALA A 13 13.77 13.41 -36.63
CA ALA A 13 14.43 13.93 -35.44
C ALA A 13 13.53 14.76 -34.52
N LEU A 14 13.55 14.38 -33.24
CA LEU A 14 12.79 15.01 -32.18
C LEU A 14 13.56 16.18 -31.56
N TYR A 15 14.89 16.06 -31.57
CA TYR A 15 15.78 17.05 -30.98
C TYR A 15 16.94 17.32 -31.95
N ASP A 16 17.59 18.47 -31.84
CA ASP A 16 18.86 18.71 -32.55
C ASP A 16 19.93 17.81 -31.94
N TYR A 17 20.85 17.33 -32.76
CA TYR A 17 21.99 16.56 -32.25
C TYR A 17 23.29 17.03 -32.90
N GLU A 18 24.35 17.15 -32.10
CA GLU A 18 25.64 17.49 -32.64
C GLU A 18 26.58 16.29 -32.51
N ALA A 19 27.05 15.77 -33.63
CA ALA A 19 27.99 14.64 -33.64
C ALA A 19 29.25 14.97 -32.84
N ILE A 20 29.84 13.93 -32.26
CA ILE A 20 31.01 14.08 -31.41
C ILE A 20 31.96 12.91 -31.54
N HIS A 21 31.53 11.82 -32.19
CA HIS A 21 32.39 10.63 -32.40
C HIS A 21 32.90 10.59 -33.85
N HIS A 22 33.53 9.50 -34.23
CA HIS A 22 34.06 9.34 -35.59
C HIS A 22 32.99 9.19 -36.69
N GLU A 23 31.88 8.53 -36.37
CA GLU A 23 30.92 8.10 -37.40
C GLU A 23 29.46 8.44 -37.15
N ASP A 24 29.16 9.08 -36.03
CA ASP A 24 27.84 9.61 -35.81
C ASP A 24 27.52 10.83 -36.73
N LEU A 25 26.22 11.09 -36.91
CA LEU A 25 25.67 12.14 -37.79
C LEU A 25 25.11 13.30 -36.98
N SER A 26 25.38 14.53 -37.38
CA SER A 26 24.69 15.68 -36.79
C SER A 26 23.36 15.76 -37.49
N PHE A 27 22.35 16.27 -36.79
CA PHE A 27 21.07 16.59 -37.44
C PHE A 27 20.28 17.65 -36.66
N GLN A 28 19.31 18.27 -37.32
CA GLN A 28 18.42 19.23 -36.66
C GLN A 28 17.06 18.60 -36.44
N LYS A 29 16.34 19.10 -35.44
CA LYS A 29 14.95 18.75 -35.20
C LYS A 29 14.13 18.92 -36.49
N GLY A 30 13.39 17.87 -36.87
CA GLY A 30 12.62 17.89 -38.09
C GLY A 30 13.25 17.14 -39.26
N ASP A 31 14.57 16.90 -39.20
CA ASP A 31 15.29 16.18 -40.25
C ASP A 31 14.80 14.75 -40.33
N GLN A 32 14.57 14.27 -41.54
CA GLN A 32 14.20 12.88 -41.75
C GLN A 32 15.41 12.04 -42.16
N MET A 33 15.33 10.75 -41.84
CA MET A 33 16.40 9.83 -42.12
C MET A 33 15.84 8.48 -42.49
N VAL A 34 16.59 7.77 -43.31
CA VAL A 34 16.22 6.42 -43.63
C VAL A 34 17.00 5.53 -42.71
N VAL A 35 16.35 4.55 -42.10
CA VAL A 35 17.05 3.62 -41.21
C VAL A 35 17.72 2.48 -41.97
N LEU A 36 18.97 2.19 -41.65
CA LEU A 36 19.71 1.17 -42.40
C LEU A 36 19.98 -0.05 -41.54
N GLU A 37 20.25 0.18 -40.26
CA GLU A 37 20.34 -0.89 -39.25
C GLU A 37 19.78 -0.41 -37.91
N GLU A 38 19.01 -1.27 -37.27
CA GLU A 38 18.50 -0.99 -35.93
C GLU A 38 19.31 -1.74 -34.88
N SER A 39 20.51 -1.23 -34.58
CA SER A 39 21.44 -1.94 -33.68
C SER A 39 21.47 -1.42 -32.23
N GLY A 40 20.29 -1.25 -31.64
CA GLY A 40 20.16 -0.88 -30.23
C GLY A 40 20.18 0.61 -29.96
N GLU A 41 21.11 1.05 -29.11
CA GLU A 41 21.22 2.48 -28.71
C GLU A 41 21.60 3.36 -29.90
N TRP A 42 22.41 2.82 -30.82
CA TRP A 42 22.79 3.53 -32.04
C TRP A 42 22.26 2.84 -33.29
N TRP A 43 21.56 3.59 -34.14
CA TRP A 43 21.10 3.06 -35.43
C TRP A 43 21.96 3.61 -36.56
N LYS A 44 22.25 2.81 -37.56
CA LYS A 44 22.82 3.32 -38.83
C LYS A 44 21.69 3.90 -39.67
N ALA A 45 21.86 5.13 -40.13
CA ALA A 45 20.85 5.79 -40.98
C ALA A 45 21.53 6.63 -42.09
N ARG A 46 20.77 6.98 -43.11
CA ARG A 46 21.13 8.04 -44.08
C ARG A 46 20.26 9.30 -43.85
N SER A 47 20.89 10.43 -43.59
CA SER A 47 20.17 11.69 -43.51
C SER A 47 19.60 12.08 -44.87
N LEU A 48 18.29 12.37 -44.93
CA LEU A 48 17.71 12.87 -46.18
C LEU A 48 18.12 14.31 -46.47
N ALA A 49 18.56 15.02 -45.44
CA ALA A 49 19.01 16.41 -45.62
C ALA A 49 20.44 16.52 -46.15
N THR A 50 21.35 15.73 -45.59
CA THR A 50 22.79 15.82 -45.94
C THR A 50 23.25 14.68 -46.86
N ARG A 51 22.50 13.59 -46.86
CA ARG A 51 22.77 12.39 -47.69
C ARG A 51 23.94 11.59 -47.10
N LYS A 52 24.31 11.94 -45.88
CA LYS A 52 25.42 11.27 -45.19
C LYS A 52 24.90 10.02 -44.48
N GLU A 53 25.72 8.97 -44.49
CA GLU A 53 25.42 7.74 -43.77
C GLU A 53 26.26 7.62 -42.49
N GLY A 54 25.61 7.22 -41.40
CA GLY A 54 26.30 7.13 -40.12
C GLY A 54 25.39 6.79 -38.98
N TYR A 55 25.91 6.88 -37.78
CA TYR A 55 25.16 6.48 -36.56
C TYR A 55 24.42 7.60 -35.90
N ILE A 56 23.19 7.29 -35.48
CA ILE A 56 22.37 8.25 -34.76
C ILE A 56 21.86 7.64 -33.43
N PRO A 57 21.64 8.49 -32.42
CA PRO A 57 21.03 7.91 -31.20
C PRO A 57 19.57 7.53 -31.44
N SER A 58 19.24 6.25 -31.25
CA SER A 58 17.89 5.78 -31.49
C SER A 58 16.81 6.44 -30.59
N ASN A 59 17.18 6.94 -29.42
CA ASN A 59 16.27 7.72 -28.56
C ASN A 59 16.03 9.20 -29.01
N TYR A 60 16.64 9.63 -30.13
CA TYR A 60 16.49 11.01 -30.61
C TYR A 60 15.53 11.11 -31.77
N VAL A 61 14.98 9.97 -32.17
CA VAL A 61 14.20 9.91 -33.38
C VAL A 61 12.91 9.12 -33.15
N ALA A 62 11.94 9.26 -34.05
CA ALA A 62 10.69 8.50 -33.98
C ALA A 62 10.23 8.25 -35.39
N ARG A 63 9.49 7.17 -35.57
CA ARG A 63 8.83 6.95 -36.83
C ARG A 63 7.99 8.17 -37.22
N VAL A 64 8.00 8.50 -38.50
CA VAL A 64 7.23 9.61 -39.05
C VAL A 64 5.72 9.41 -38.80
N ASP A 65 5.01 10.50 -38.52
CA ASP A 65 3.57 10.47 -38.17
C ASP A 65 3.23 9.76 -36.85
N SER A 66 4.26 9.22 -36.17
CA SER A 66 4.17 8.62 -34.84
C SER A 66 3.64 9.64 -33.85
N LEU A 67 2.88 9.21 -32.83
CA LEU A 67 2.47 10.12 -31.75
C LEU A 67 3.68 10.78 -31.04
N GLU A 68 4.78 10.03 -30.93
CA GLU A 68 6.03 10.56 -30.37
C GLU A 68 6.52 11.84 -31.03
N THR A 69 6.05 12.09 -32.26
CA THR A 69 6.46 13.28 -32.97
C THR A 69 5.73 14.51 -32.47
N GLU A 70 4.67 14.32 -31.70
CA GLU A 70 3.88 15.44 -31.19
C GLU A 70 4.53 16.06 -29.97
N GLU A 71 4.52 17.40 -29.90
CA GLU A 71 5.15 18.13 -28.78
C GLU A 71 4.49 17.76 -27.44
N TRP A 72 3.20 17.46 -27.46
CA TRP A 72 2.45 17.13 -26.23
C TRP A 72 2.38 15.63 -25.88
N PHE A 73 3.07 14.78 -26.64
CA PHE A 73 3.06 13.34 -26.35
C PHE A 73 4.32 12.86 -25.67
N PHE A 74 4.15 12.09 -24.60
CA PHE A 74 5.26 11.63 -23.80
C PHE A 74 5.11 10.13 -23.59
N LYS A 75 6.01 9.37 -24.22
CA LYS A 75 5.90 7.92 -24.32
C LYS A 75 6.61 7.22 -23.17
N GLY A 76 6.04 6.11 -22.70
CA GLY A 76 6.66 5.26 -21.67
C GLY A 76 6.82 5.90 -20.30
N ILE A 77 5.95 6.87 -20.00
CA ILE A 77 6.07 7.70 -18.79
C ILE A 77 4.94 7.40 -17.77
N SER A 78 5.32 7.17 -16.51
CA SER A 78 4.36 6.77 -15.49
C SER A 78 3.59 7.97 -14.97
N ARG A 79 2.60 7.72 -14.13
CA ARG A 79 1.80 8.80 -13.53
C ARG A 79 2.70 9.72 -12.71
N LYS A 80 3.56 9.13 -11.90
CA LYS A 80 4.42 9.88 -11.00
C LYS A 80 5.53 10.63 -11.73
N ASP A 81 6.10 9.97 -12.75
CA ASP A 81 7.00 10.59 -13.71
C ASP A 81 6.40 11.83 -14.36
N ALA A 82 5.12 11.74 -14.75
CA ALA A 82 4.42 12.86 -15.37
C ALA A 82 4.26 14.06 -14.42
N GLU A 83 3.91 13.81 -13.16
CA GLU A 83 3.85 14.83 -12.11
C GLU A 83 5.19 15.52 -11.93
N ARG A 84 6.24 14.72 -11.80
CA ARG A 84 7.60 15.24 -11.72
C ARG A 84 7.99 16.10 -12.92
N GLN A 85 7.74 15.63 -14.13
CA GLN A 85 8.09 16.44 -15.30
C GLN A 85 7.28 17.73 -15.34
N LEU A 86 6.01 17.65 -14.96
CA LEU A 86 5.12 18.82 -14.98
C LEU A 86 5.36 19.87 -13.89
N LEU A 87 5.87 19.45 -12.73
CA LEU A 87 6.18 20.41 -11.66
C LEU A 87 7.59 20.99 -11.75
N ALA A 88 8.40 20.45 -12.64
CA ALA A 88 9.76 20.93 -12.90
C ALA A 88 9.78 22.39 -13.39
N PRO A 89 10.87 23.14 -13.11
CA PRO A 89 10.99 24.52 -13.53
C PRO A 89 10.87 24.66 -15.04
N GLY A 90 9.98 25.56 -15.50
CA GLY A 90 9.81 25.82 -16.93
C GLY A 90 8.35 25.75 -17.33
N ASN A 91 7.51 25.25 -16.41
CA ASN A 91 6.09 25.03 -16.66
C ASN A 91 5.19 26.03 -15.94
N MET A 92 3.89 25.98 -16.20
CA MET A 92 2.92 26.94 -15.64
C MET A 92 1.53 26.33 -15.62
N LEU A 93 0.53 27.07 -15.13
CA LEU A 93 -0.86 26.62 -15.12
C LEU A 93 -1.26 26.14 -16.49
N GLY A 94 -1.95 25.02 -16.54
CA GLY A 94 -2.35 24.44 -17.82
C GLY A 94 -1.30 23.70 -18.64
N SER A 95 -0.05 23.67 -18.19
CA SER A 95 0.98 22.87 -18.90
C SER A 95 0.46 21.44 -18.88
N PHE A 96 0.68 20.68 -19.96
CA PHE A 96 -0.01 19.39 -20.09
C PHE A 96 0.78 18.34 -20.87
N MET A 97 0.48 17.07 -20.62
CA MET A 97 0.91 16.00 -21.53
C MET A 97 -0.16 14.94 -21.77
N ILE A 98 -0.17 14.40 -22.99
CA ILE A 98 -0.78 13.10 -23.23
C ILE A 98 0.34 12.08 -23.12
N ARG A 99 0.01 10.93 -22.53
CA ARG A 99 1.00 9.90 -22.25
C ARG A 99 0.35 8.53 -22.30
N ASP A 100 1.16 7.49 -22.42
CA ASP A 100 0.66 6.12 -22.27
C ASP A 100 0.10 5.91 -20.85
N SER A 101 -1.14 5.42 -20.81
CA SER A 101 -1.78 5.08 -19.55
C SER A 101 -1.05 3.91 -18.91
N GLU A 102 -0.71 4.07 -17.64
CA GLU A 102 0.09 3.12 -16.88
C GLU A 102 -0.71 1.89 -16.47
N THR A 103 -2.00 2.08 -16.23
CA THR A 103 -2.83 1.03 -15.63
C THR A 103 -3.76 0.40 -16.64
N THR A 104 -4.16 1.17 -17.65
CA THR A 104 -5.04 0.70 -18.73
C THR A 104 -4.22 0.51 -20.00
N LYS A 105 -3.44 -0.58 -20.00
CA LYS A 105 -2.52 -0.92 -21.09
C LYS A 105 -3.14 -0.72 -22.46
N GLY A 106 -2.47 0.07 -23.31
CA GLY A 106 -2.93 0.32 -24.67
C GLY A 106 -3.70 1.61 -24.83
N SER A 107 -4.01 2.25 -23.72
CA SER A 107 -4.74 3.52 -23.73
C SER A 107 -3.83 4.68 -23.34
N TYR A 108 -4.36 5.89 -23.45
CA TYR A 108 -3.67 7.12 -23.11
C TYR A 108 -4.32 7.86 -21.92
N SER A 109 -3.51 8.72 -21.30
CA SER A 109 -3.93 9.53 -20.18
C SER A 109 -3.45 10.97 -20.36
N LEU A 110 -4.24 11.91 -19.82
CA LEU A 110 -3.92 13.34 -19.85
C LEU A 110 -3.52 13.84 -18.46
N SER A 111 -2.37 14.52 -18.37
CA SER A 111 -1.92 15.15 -17.14
C SER A 111 -1.79 16.66 -17.33
N VAL A 112 -2.32 17.43 -16.38
CA VAL A 112 -2.39 18.90 -16.47
C VAL A 112 -1.90 19.56 -15.18
N ARG A 113 -1.05 20.58 -15.31
CA ARG A 113 -0.63 21.38 -14.18
C ARG A 113 -1.74 22.32 -13.66
N ASP A 114 -2.13 22.10 -12.40
CA ASP A 114 -3.20 22.83 -11.74
C ASP A 114 -2.65 23.54 -10.49
N TYR A 115 -3.50 24.33 -9.83
CA TYR A 115 -3.16 24.96 -8.56
C TYR A 115 -4.35 24.90 -7.62
N ASP A 116 -4.16 24.20 -6.51
CA ASP A 116 -5.17 24.08 -5.46
C ASP A 116 -4.87 25.08 -4.35
N PRO A 117 -5.85 25.96 -4.02
CA PRO A 117 -5.73 26.95 -2.93
C PRO A 117 -5.07 26.45 -1.63
N ARG A 118 -5.39 25.22 -1.21
CA ARG A 118 -4.75 24.59 -0.06
C ARG A 118 -3.32 24.10 -0.36
N GLN A 119 -3.20 23.19 -1.33
CA GLN A 119 -1.94 22.46 -1.59
C GLN A 119 -0.97 23.18 -2.51
N GLY A 120 -1.46 24.17 -3.26
CA GLY A 120 -0.63 24.86 -4.25
C GLY A 120 -0.57 24.04 -5.52
N ASP A 121 0.58 24.07 -6.17
CA ASP A 121 0.77 23.38 -7.45
C ASP A 121 0.61 21.87 -7.36
N THR A 122 -0.29 21.36 -8.20
CA THR A 122 -0.63 19.95 -8.26
C THR A 122 -0.73 19.57 -9.74
N VAL A 123 -0.87 18.28 -9.99
CA VAL A 123 -1.11 17.72 -11.30
C VAL A 123 -2.30 16.83 -11.22
N LYS A 124 -3.26 17.03 -12.12
CA LYS A 124 -4.46 16.20 -12.21
C LYS A 124 -4.38 15.28 -13.41
N HIS A 125 -4.91 14.06 -13.26
CA HIS A 125 -4.85 13.06 -14.31
C HIS A 125 -6.23 12.65 -14.78
N TYR A 126 -6.41 12.60 -16.10
CA TYR A 126 -7.67 12.19 -16.68
C TYR A 126 -7.48 11.06 -17.64
N LYS A 127 -8.26 10.01 -17.48
CA LYS A 127 -8.23 8.91 -18.43
C LYS A 127 -8.82 9.41 -19.73
N ILE A 128 -8.10 9.16 -20.81
CA ILE A 128 -8.66 9.34 -22.14
C ILE A 128 -9.27 8.01 -22.57
N ARG A 129 -10.54 8.02 -22.98
CA ARG A 129 -11.20 6.80 -23.47
C ARG A 129 -11.09 6.61 -24.99
N PHE A 136 -11.62 9.28 -29.64
CA PHE A 136 -11.26 9.53 -28.22
C PHE A 136 -12.20 10.54 -27.55
N TYR A 137 -12.37 10.38 -26.25
CA TYR A 137 -13.07 11.35 -25.39
C TYR A 137 -12.65 11.20 -23.93
N ILE A 138 -12.68 12.30 -23.19
CA ILE A 138 -12.53 12.22 -21.74
C ILE A 138 -13.95 12.21 -21.14
N SER A 139 -14.80 13.09 -21.64
CA SER A 139 -16.19 13.19 -21.25
C SER A 139 -17.09 12.91 -22.46
N PRO A 140 -18.07 11.97 -22.30
CA PRO A 140 -19.01 11.55 -23.35
C PRO A 140 -19.62 12.70 -24.18
N ARG A 141 -19.69 13.89 -23.59
CA ARG A 141 -20.35 15.05 -24.20
C ARG A 141 -19.57 15.61 -25.39
N SER A 142 -18.23 15.56 -25.31
CA SER A 142 -17.35 16.04 -26.37
C SER A 142 -16.50 14.91 -26.94
N THR A 143 -16.79 14.51 -28.17
CA THR A 143 -16.07 13.44 -28.84
C THR A 143 -15.03 14.00 -29.81
N PHE A 144 -13.86 13.38 -29.87
CA PHE A 144 -12.80 13.83 -30.77
C PHE A 144 -12.26 12.71 -31.64
N SER A 145 -12.04 13.04 -32.93
CA SER A 145 -11.54 12.09 -33.92
C SER A 145 -10.03 11.82 -33.74
N THR A 146 -9.26 12.89 -33.54
CA THR A 146 -7.84 12.77 -33.22
C THR A 146 -7.55 13.28 -31.81
N LEU A 147 -6.37 12.93 -31.29
CA LEU A 147 -5.92 13.43 -29.99
C LEU A 147 -5.60 14.90 -30.11
N GLN A 148 -5.15 15.28 -31.30
CA GLN A 148 -4.88 16.65 -31.65
C GLN A 148 -6.11 17.54 -31.48
N GLU A 149 -7.29 16.98 -31.78
CA GLU A 149 -8.57 17.68 -31.69
C GLU A 149 -8.98 17.89 -30.21
N LEU A 150 -8.79 16.85 -29.41
CA LEU A 150 -9.00 16.89 -27.96
C LEU A 150 -8.21 18.06 -27.36
N VAL A 151 -6.90 18.01 -27.54
CA VAL A 151 -5.96 19.07 -27.15
C VAL A 151 -6.39 20.49 -27.58
N ASP A 152 -6.80 20.63 -28.84
CA ASP A 152 -7.18 21.92 -29.38
C ASP A 152 -8.41 22.53 -28.70
N HIS A 153 -9.34 21.67 -28.31
CA HIS A 153 -10.55 22.08 -27.63
C HIS A 153 -10.22 22.64 -26.25
N TYR A 154 -9.44 21.89 -25.50
CA TYR A 154 -9.20 22.23 -24.09
C TYR A 154 -8.24 23.41 -23.87
N LYS A 155 -7.59 23.88 -24.96
CA LYS A 155 -6.72 25.05 -24.92
C LYS A 155 -7.48 26.37 -24.88
N LYS A 156 -8.73 26.37 -25.36
CA LYS A 156 -9.56 27.56 -25.28
C LYS A 156 -10.81 27.31 -24.43
N GLY A 157 -10.67 27.52 -23.12
CA GLY A 157 -11.73 27.27 -22.15
C GLY A 157 -11.68 25.86 -21.58
N ASN A 158 -11.91 25.73 -20.27
CA ASN A 158 -11.96 24.41 -19.64
C ASN A 158 -13.38 23.84 -19.60
N ASP A 159 -13.63 22.87 -20.46
CA ASP A 159 -14.92 22.20 -20.57
C ASP A 159 -15.07 21.21 -19.41
N GLY A 160 -14.92 21.72 -18.19
CA GLY A 160 -15.03 20.90 -16.99
C GLY A 160 -13.70 20.36 -16.48
N LEU A 161 -12.60 20.66 -17.17
CA LEU A 161 -11.28 20.34 -16.66
C LEU A 161 -10.96 21.33 -15.54
N CYS A 162 -10.09 20.90 -14.62
CA CYS A 162 -9.62 21.70 -13.49
C CYS A 162 -8.90 22.98 -13.90
N GLN A 163 -8.39 22.99 -15.14
CA GLN A 163 -7.59 24.07 -15.63
C GLN A 163 -7.54 23.88 -17.14
N LYS A 164 -7.65 24.98 -17.89
CA LYS A 164 -7.57 24.87 -19.33
C LYS A 164 -6.11 24.67 -19.77
N LEU A 165 -5.94 24.04 -20.92
CA LEU A 165 -4.62 23.67 -21.41
C LEU A 165 -3.91 24.88 -21.96
N SER A 166 -2.64 25.03 -21.59
CA SER A 166 -1.85 26.12 -22.11
C SER A 166 -0.83 25.54 -23.09
N VAL A 167 0.43 25.39 -22.65
CA VAL A 167 1.52 24.91 -23.49
C VAL A 167 1.92 23.50 -23.06
N PRO A 168 2.36 22.65 -24.01
CA PRO A 168 2.81 21.31 -23.57
C PRO A 168 3.95 21.38 -22.56
N CYS A 169 4.04 20.33 -21.75
CA CYS A 169 5.13 20.12 -20.80
C CYS A 169 6.49 20.35 -21.48
N MET A 170 7.38 21.02 -20.78
CA MET A 170 8.76 21.18 -21.21
C MET A 170 9.42 19.79 -21.34
N SER A 171 10.00 19.56 -22.51
CA SER A 171 10.69 18.34 -22.81
C SER A 171 12.16 18.65 -22.63
N SER A 172 12.84 17.76 -21.91
CA SER A 172 14.29 17.76 -21.86
C SER A 172 14.88 16.95 -23.01
N LYS A 173 16.01 17.42 -23.55
CA LYS A 173 16.83 16.67 -24.51
C LYS A 173 17.48 15.51 -23.76
N PRO A 174 17.38 14.29 -24.31
CA PRO A 174 17.77 13.08 -23.58
C PRO A 174 19.28 12.99 -23.48
N GLN A 175 19.79 12.17 -22.54
CA GLN A 175 21.25 12.01 -22.41
C GLN A 175 21.73 11.27 -23.66
N LYS A 176 22.84 11.73 -24.24
CA LYS A 176 23.48 10.97 -25.32
C LYS A 176 23.75 9.55 -24.81
N PRO A 177 23.42 8.52 -25.60
CA PRO A 177 24.01 7.25 -25.20
C PRO A 177 25.55 7.26 -25.35
N TRP A 178 26.19 6.39 -24.58
CA TRP A 178 27.63 6.23 -24.60
C TRP A 178 28.01 5.74 -25.98
N GLU A 179 29.21 6.10 -26.41
CA GLU A 179 29.79 5.62 -27.66
C GLU A 179 29.51 4.13 -27.84
N LYS A 180 29.21 3.74 -29.07
CA LYS A 180 28.98 2.35 -29.46
C LYS A 180 30.21 1.47 -29.30
N ASP A 181 29.99 0.27 -28.75
CA ASP A 181 31.02 -0.76 -28.56
C ASP A 181 32.27 -0.22 -27.85
N ALA A 182 32.04 0.60 -26.83
CA ALA A 182 33.08 1.25 -26.04
C ALA A 182 32.81 0.98 -24.55
N TRP A 183 32.52 -0.27 -24.22
CA TRP A 183 32.40 -0.69 -22.83
C TRP A 183 33.80 -0.75 -22.16
N GLU A 184 34.77 -1.37 -22.81
CA GLU A 184 36.14 -1.39 -22.33
C GLU A 184 36.93 -0.38 -23.17
N ILE A 185 37.62 0.51 -22.48
CA ILE A 185 38.26 1.65 -23.11
C ILE A 185 39.76 1.71 -22.71
N PRO A 186 40.58 2.37 -23.55
CA PRO A 186 41.96 2.58 -23.15
C PRO A 186 42.00 3.73 -22.16
N ARG A 187 42.93 3.67 -21.21
CA ARG A 187 43.09 4.73 -20.22
C ARG A 187 43.32 6.08 -20.90
N GLU A 188 44.02 6.04 -22.03
CA GLU A 188 44.35 7.18 -22.87
C GLU A 188 43.17 8.04 -23.27
N SER A 189 41.99 7.42 -23.39
CA SER A 189 40.75 8.12 -23.74
C SER A 189 40.33 9.16 -22.68
N LEU A 190 40.88 9.04 -21.48
CA LEU A 190 40.46 9.88 -20.36
C LEU A 190 41.45 10.99 -19.97
N LYS A 191 40.90 12.12 -19.51
CA LYS A 191 41.67 13.10 -18.72
C LYS A 191 40.96 13.29 -17.40
N LEU A 192 41.61 12.92 -16.29
CA LEU A 192 41.07 13.13 -14.96
C LEU A 192 41.45 14.50 -14.44
N GLU A 193 40.47 15.42 -14.45
CA GLU A 193 40.74 16.84 -14.31
C GLU A 193 40.68 17.33 -12.88
N LYS A 194 39.83 16.70 -12.07
CA LYS A 194 39.66 17.20 -10.73
C LYS A 194 39.26 16.09 -9.77
N LYS A 195 40.05 15.98 -8.71
CA LYS A 195 39.79 15.00 -7.68
C LYS A 195 38.64 15.51 -6.82
N LEU A 196 37.63 14.68 -6.68
CA LEU A 196 36.49 15.07 -5.85
C LEU A 196 36.47 14.42 -4.49
N GLY A 197 37.07 13.24 -4.39
CA GLY A 197 36.94 12.39 -3.19
C GLY A 197 38.07 11.37 -3.17
N ALA A 198 38.51 11.04 -1.96
CA ALA A 198 39.55 10.03 -1.79
C ALA A 198 39.30 9.24 -0.51
N GLY A 199 39.51 7.92 -0.59
CA GLY A 199 39.29 7.05 0.56
C GLY A 199 40.01 5.72 0.52
N GLN A 200 39.50 4.76 1.30
CA GLN A 200 40.15 3.48 1.54
C GLN A 200 40.39 2.68 0.27
N PHE A 201 39.38 2.66 -0.59
CA PHE A 201 39.36 1.76 -1.72
C PHE A 201 39.71 2.43 -3.06
N GLY A 202 40.04 3.73 -3.03
CA GLY A 202 40.38 4.51 -4.23
C GLY A 202 39.88 5.96 -4.22
N GLU A 203 39.76 6.58 -5.41
CA GLU A 203 39.37 8.00 -5.55
C GLU A 203 38.25 8.18 -6.59
N VAL A 204 37.58 9.34 -6.55
CA VAL A 204 36.60 9.78 -7.52
C VAL A 204 37.07 11.13 -8.05
N TRP A 205 36.99 11.26 -9.38
CA TRP A 205 37.52 12.36 -10.18
C TRP A 205 36.42 12.78 -11.17
N MET A 206 36.27 14.10 -11.35
CA MET A 206 35.63 14.66 -12.52
C MET A 206 36.62 14.53 -13.68
N ALA A 207 36.10 14.12 -14.85
CA ALA A 207 36.92 13.71 -15.98
C ALA A 207 36.23 14.00 -17.31
N THR A 208 37.01 13.95 -18.40
CA THR A 208 36.52 14.07 -19.78
C THR A 208 36.93 12.82 -20.55
N TYR A 209 35.98 12.28 -21.32
CA TYR A 209 36.23 11.16 -22.21
C TYR A 209 36.29 11.65 -23.66
N ASN A 210 37.42 11.39 -24.32
CA ASN A 210 37.71 11.88 -25.68
C ASN A 210 37.26 13.31 -25.94
N LYS A 211 37.61 14.24 -25.05
CA LYS A 211 37.35 15.67 -25.24
C LYS A 211 35.92 16.14 -25.03
N HIS A 212 34.94 15.33 -25.43
N HIS A 212 34.93 15.36 -25.43
CA HIS A 212 33.55 15.75 -25.54
CA HIS A 212 33.54 15.86 -25.51
C HIS A 212 32.65 15.55 -24.33
C HIS A 212 32.50 15.31 -24.54
N THR A 213 32.90 14.48 -23.59
CA THR A 213 31.93 14.01 -22.59
C THR A 213 32.48 14.14 -21.21
N LYS A 214 31.74 14.87 -20.39
CA LYS A 214 31.99 14.96 -18.97
C LYS A 214 31.48 13.68 -18.28
N VAL A 215 32.36 13.07 -17.48
CA VAL A 215 32.11 11.82 -16.80
C VAL A 215 32.69 11.88 -15.42
N ALA A 216 32.28 10.93 -14.57
CA ALA A 216 32.90 10.69 -13.28
C ALA A 216 33.70 9.41 -13.43
N VAL A 217 34.89 9.36 -12.83
CA VAL A 217 35.76 8.17 -12.83
C VAL A 217 36.09 7.74 -11.37
N LYS A 218 35.83 6.48 -11.05
CA LYS A 218 36.31 5.92 -9.81
C LYS A 218 37.56 5.08 -10.07
N THR A 219 38.62 5.38 -9.32
CA THR A 219 39.85 4.63 -9.39
C THR A 219 39.91 3.62 -8.23
N MET A 220 40.29 2.37 -8.51
CA MET A 220 40.36 1.34 -7.46
C MET A 220 41.79 1.09 -7.01
N LYS A 221 42.06 1.08 -5.70
CA LYS A 221 43.35 0.60 -5.20
C LYS A 221 43.36 -0.91 -5.40
N PRO A 222 44.44 -1.45 -5.98
CA PRO A 222 44.61 -2.90 -5.99
C PRO A 222 44.33 -3.52 -4.62
N GLY A 223 43.50 -4.55 -4.57
CA GLY A 223 42.98 -5.06 -3.30
C GLY A 223 43.01 -6.57 -3.13
N SER A 224 42.24 -7.06 -2.15
CA SER A 224 42.06 -8.49 -1.90
C SER A 224 41.41 -9.06 -3.15
N MET A 225 40.68 -8.18 -3.81
CA MET A 225 39.97 -8.40 -5.08
C MET A 225 40.85 -9.05 -6.14
N SER A 226 40.20 -9.67 -7.12
CA SER A 226 40.92 -10.14 -8.29
C SER A 226 40.50 -9.23 -9.44
N VAL A 227 41.49 -8.83 -10.26
CA VAL A 227 41.25 -8.05 -11.47
C VAL A 227 40.10 -8.63 -12.29
N GLU A 228 40.20 -9.92 -12.59
CA GLU A 228 39.20 -10.64 -13.40
C GLU A 228 37.85 -10.80 -12.71
N ALA A 229 37.87 -11.09 -11.40
CA ALA A 229 36.64 -11.21 -10.61
C ALA A 229 35.92 -9.87 -10.46
N PHE A 230 36.68 -8.79 -10.46
CA PHE A 230 36.09 -7.45 -10.33
C PHE A 230 35.28 -7.06 -11.58
N LEU A 231 35.84 -7.41 -12.73
CA LEU A 231 35.24 -7.08 -14.02
C LEU A 231 33.96 -7.87 -14.28
N ALA A 232 33.93 -9.13 -13.85
CA ALA A 232 32.69 -9.92 -13.92
C ALA A 232 31.50 -9.27 -13.22
N GLU A 233 31.74 -8.61 -12.08
CA GLU A 233 30.64 -7.89 -11.40
C GLU A 233 30.23 -6.61 -12.16
N ALA A 234 31.23 -5.84 -12.58
CA ALA A 234 31.00 -4.65 -13.40
C ALA A 234 30.23 -5.06 -14.66
N ASN A 235 30.62 -6.18 -15.24
CA ASN A 235 29.94 -6.70 -16.40
C ASN A 235 28.48 -7.08 -16.20
N VAL A 236 28.13 -7.58 -15.03
CA VAL A 236 26.72 -7.83 -14.75
C VAL A 236 26.00 -6.54 -14.40
N MET A 237 26.67 -5.66 -13.65
CA MET A 237 26.01 -4.44 -13.17
C MET A 237 25.62 -3.55 -14.34
N LYS A 238 26.47 -3.51 -15.36
CA LYS A 238 26.17 -2.77 -16.59
C LYS A 238 24.82 -3.15 -17.20
N THR A 239 24.39 -4.41 -17.07
CA THR A 239 23.11 -4.85 -17.63
C THR A 239 21.88 -4.51 -16.78
N LEU A 240 22.11 -4.07 -15.55
CA LEU A 240 21.02 -3.86 -14.60
C LEU A 240 20.77 -2.39 -14.53
N GLN A 241 20.14 -1.91 -15.59
CA GLN A 241 20.03 -0.48 -15.82
C GLN A 241 18.68 0.01 -15.36
N HIS A 242 18.65 1.24 -14.87
CA HIS A 242 17.42 1.77 -14.39
C HIS A 242 17.58 3.25 -14.17
N ASP A 243 16.49 3.97 -14.36
CA ASP A 243 16.46 5.42 -14.24
C ASP A 243 16.88 5.96 -12.90
N LYS A 244 16.85 5.10 -11.87
CA LYS A 244 17.23 5.51 -10.51
C LYS A 244 18.55 4.88 -10.00
N LEU A 245 19.32 4.27 -10.90
CA LEU A 245 20.66 3.74 -10.64
C LEU A 245 21.61 4.52 -11.52
N VAL A 246 22.71 5.01 -10.94
CA VAL A 246 23.69 5.78 -11.70
C VAL A 246 24.11 4.97 -12.96
N LYS A 247 24.25 5.64 -14.10
CA LYS A 247 24.59 4.94 -15.34
C LYS A 247 26.07 4.53 -15.35
N LEU A 248 26.31 3.23 -15.41
CA LEU A 248 27.65 2.70 -15.67
C LEU A 248 27.97 2.79 -17.16
N HIS A 249 29.01 3.55 -17.55
CA HIS A 249 29.37 3.69 -18.95
C HIS A 249 30.47 2.74 -19.47
N ALA A 250 31.56 2.59 -18.73
CA ALA A 250 32.75 1.94 -19.25
C ALA A 250 33.65 1.59 -18.10
N VAL A 251 34.69 0.83 -18.45
CA VAL A 251 35.68 0.32 -17.54
C VAL A 251 37.03 0.33 -18.25
N VAL A 252 38.10 0.59 -17.50
CA VAL A 252 39.48 0.36 -18.00
C VAL A 252 39.92 -0.90 -17.28
N THR A 253 40.31 -1.90 -18.03
CA THR A 253 40.49 -3.24 -17.46
C THR A 253 41.89 -3.45 -16.89
N LYS A 254 42.82 -2.58 -17.29
CA LYS A 254 44.18 -2.62 -16.78
C LYS A 254 44.29 -2.01 -15.36
N GLU A 255 44.99 -2.70 -14.47
CA GLU A 255 45.25 -2.19 -13.11
C GLU A 255 46.06 -0.90 -13.16
N PRO A 256 45.63 0.14 -12.40
CA PRO A 256 44.47 0.12 -11.51
C PRO A 256 43.16 0.32 -12.26
N ILE A 257 42.15 -0.47 -11.91
CA ILE A 257 40.86 -0.42 -12.57
C ILE A 257 40.21 0.95 -12.34
N TYR A 258 39.66 1.49 -13.44
CA TYR A 258 38.88 2.71 -13.45
C TYR A 258 37.46 2.34 -13.86
N ILE A 259 36.47 2.95 -13.22
CA ILE A 259 35.04 2.71 -13.49
C ILE A 259 34.54 4.04 -13.96
N ILE A 260 33.84 4.08 -15.09
CA ILE A 260 33.35 5.35 -15.65
C ILE A 260 31.82 5.41 -15.55
N THR A 261 31.27 6.41 -14.86
CA THR A 261 29.83 6.61 -14.85
C THR A 261 29.49 7.98 -15.37
N GLU A 262 28.20 8.21 -15.61
CA GLU A 262 27.69 9.55 -15.84
C GLU A 262 28.07 10.43 -14.64
N PHE A 263 28.20 11.72 -14.90
CA PHE A 263 28.52 12.74 -13.93
C PHE A 263 27.23 13.35 -13.38
N MET A 264 27.14 13.37 -12.04
CA MET A 264 25.97 13.88 -11.33
C MET A 264 26.27 15.25 -10.74
N ALA A 265 25.73 16.27 -11.38
CA ALA A 265 26.15 17.67 -11.13
C ALA A 265 26.09 18.12 -9.68
N LYS A 266 25.13 17.62 -8.90
CA LYS A 266 24.99 18.10 -7.54
C LYS A 266 25.64 17.20 -6.51
N GLY A 267 26.38 16.20 -6.98
CA GLY A 267 27.15 15.37 -6.08
C GLY A 267 26.31 14.44 -5.25
N SER A 268 26.69 14.23 -4.00
CA SER A 268 25.94 13.31 -3.18
C SER A 268 24.78 14.01 -2.49
N LEU A 269 23.77 13.22 -2.15
CA LEU A 269 22.56 13.73 -1.49
C LEU A 269 22.92 14.26 -0.13
N LEU A 270 23.86 13.62 0.53
CA LEU A 270 24.34 14.12 1.82
C LEU A 270 24.89 15.56 1.76
N ASP A 271 25.72 15.84 0.77
CA ASP A 271 26.28 17.18 0.58
C ASP A 271 25.24 18.14 0.05
N PHE A 272 24.35 17.63 -0.79
CA PHE A 272 23.33 18.49 -1.33
C PHE A 272 22.43 18.99 -0.19
N LEU A 273 21.96 18.07 0.65
CA LEU A 273 21.06 18.45 1.74
C LEU A 273 21.64 19.49 2.71
N LYS A 274 22.95 19.40 2.94
CA LYS A 274 23.66 20.33 3.85
C LYS A 274 24.00 21.68 3.21
N SER A 275 23.97 21.78 1.89
CA SER A 275 24.21 23.04 1.18
C SER A 275 23.05 24.04 1.32
N ASP A 276 23.30 25.31 1.01
CA ASP A 276 22.29 26.37 1.06
C ASP A 276 21.03 26.03 0.24
N GLU A 277 21.24 25.50 -0.98
CA GLU A 277 20.14 25.08 -1.84
C GLU A 277 19.30 23.95 -1.24
N GLY A 278 19.96 23.01 -0.56
CA GLY A 278 19.32 21.84 -0.01
C GLY A 278 18.43 22.20 1.16
N SER A 279 18.88 23.15 1.97
CA SER A 279 18.16 23.56 3.16
C SER A 279 16.92 24.35 2.77
N LYS A 280 16.78 24.64 1.48
CA LYS A 280 15.58 25.31 0.96
C LYS A 280 14.53 24.34 0.41
N GLN A 281 14.81 23.04 0.45
CA GLN A 281 13.85 22.05 -0.05
C GLN A 281 12.80 21.81 1.02
N PRO A 282 11.51 22.05 0.68
CA PRO A 282 10.49 21.82 1.67
C PRO A 282 10.20 20.32 1.76
N LEU A 283 9.43 19.96 2.77
CA LEU A 283 9.14 18.58 3.06
C LEU A 283 8.60 17.73 1.90
N PRO A 284 7.58 18.23 1.15
CA PRO A 284 7.13 17.43 -0.01
C PRO A 284 8.24 17.04 -1.00
N LYS A 285 9.20 17.93 -1.22
CA LYS A 285 10.40 17.63 -2.05
C LYS A 285 11.25 16.55 -1.46
N LEU A 286 11.48 16.63 -0.17
CA LEU A 286 12.30 15.63 0.52
C LEU A 286 11.62 14.25 0.46
N ILE A 287 10.29 14.22 0.57
CA ILE A 287 9.55 12.95 0.38
C ILE A 287 9.66 12.43 -1.07
N ASP A 288 9.60 13.34 -2.04
CA ASP A 288 9.84 12.93 -3.41
C ASP A 288 11.23 12.28 -3.61
N PHE A 289 12.31 12.85 -3.05
CA PHE A 289 13.62 12.20 -3.12
C PHE A 289 13.56 10.75 -2.59
N SER A 290 13.02 10.56 -1.39
CA SER A 290 12.90 9.28 -0.76
C SER A 290 12.11 8.34 -1.68
N ALA A 291 11.04 8.84 -2.29
CA ALA A 291 10.27 8.02 -3.23
C ALA A 291 11.06 7.62 -4.46
N GLN A 292 12.01 8.45 -4.92
CA GLN A 292 12.88 8.06 -6.05
C GLN A 292 13.84 6.93 -5.67
N ILE A 293 14.38 7.04 -4.46
CA ILE A 293 15.29 6.07 -3.92
C ILE A 293 14.59 4.73 -3.64
N ALA A 294 13.43 4.76 -2.99
CA ALA A 294 12.59 3.53 -2.89
C ALA A 294 12.33 2.84 -4.23
N GLU A 295 12.00 3.62 -5.26
CA GLU A 295 11.84 3.08 -6.64
C GLU A 295 13.08 2.38 -7.25
N GLY A 296 14.27 2.93 -7.02
CA GLY A 296 15.50 2.20 -7.34
C GLY A 296 15.70 0.93 -6.51
N MET A 297 15.37 0.97 -5.22
CA MET A 297 15.47 -0.22 -4.38
C MET A 297 14.43 -1.31 -4.64
N ALA A 298 13.21 -0.92 -5.04
CA ALA A 298 12.20 -1.87 -5.55
C ALA A 298 12.68 -2.65 -6.78
N PHE A 299 13.38 -1.95 -7.69
CA PHE A 299 13.96 -2.60 -8.88
C PHE A 299 15.02 -3.61 -8.43
N ILE A 300 15.90 -3.19 -7.53
CA ILE A 300 16.92 -4.09 -7.00
C ILE A 300 16.27 -5.30 -6.30
N GLU A 301 15.30 -5.03 -5.41
CA GLU A 301 14.48 -6.09 -4.77
C GLU A 301 13.78 -7.05 -5.80
N GLN A 302 13.16 -6.51 -6.84
CA GLN A 302 12.42 -7.40 -7.76
C GLN A 302 13.41 -8.30 -8.52
N ARG A 303 14.62 -7.79 -8.80
CA ARG A 303 15.70 -8.57 -9.44
C ARG A 303 16.40 -9.55 -8.47
N ASN A 304 16.03 -9.48 -7.19
CA ASN A 304 16.59 -10.34 -6.14
C ASN A 304 18.05 -10.05 -5.75
N TYR A 305 18.48 -8.81 -5.87
CA TYR A 305 19.79 -8.37 -5.40
C TYR A 305 19.67 -7.65 -4.06
N ILE A 306 20.83 -7.21 -3.57
CA ILE A 306 21.01 -6.52 -2.29
C ILE A 306 22.03 -5.41 -2.58
N HIS A 307 21.82 -4.22 -2.04
CA HIS A 307 22.77 -3.13 -2.19
C HIS A 307 23.88 -3.26 -1.16
N ARG A 308 23.46 -3.43 0.09
CA ARG A 308 24.25 -3.49 1.34
C ARG A 308 24.97 -2.27 1.91
N ASP A 309 24.93 -1.14 1.23
CA ASP A 309 25.52 0.08 1.79
C ASP A 309 24.68 1.31 1.41
N LEU A 310 23.42 1.26 1.80
CA LEU A 310 22.46 2.33 1.55
C LEU A 310 22.53 3.41 2.59
N ARG A 311 22.87 4.61 2.15
CA ARG A 311 22.86 5.78 3.00
C ARG A 311 23.00 6.98 2.07
N ALA A 312 22.86 8.18 2.62
CA ALA A 312 22.82 9.38 1.82
C ALA A 312 24.15 9.65 1.11
N ALA A 313 25.28 9.21 1.70
CA ALA A 313 26.61 9.33 1.01
C ALA A 313 26.68 8.57 -0.33
N ASN A 314 25.85 7.55 -0.51
CA ASN A 314 25.77 6.79 -1.77
C ASN A 314 24.52 7.07 -2.63
N ILE A 315 23.93 8.24 -2.44
CA ILE A 315 22.91 8.72 -3.36
C ILE A 315 23.49 9.96 -4.03
N LEU A 316 23.31 10.04 -5.35
CA LEU A 316 23.78 11.16 -6.16
C LEU A 316 22.59 11.97 -6.68
N VAL A 317 22.81 13.25 -6.88
CA VAL A 317 21.77 14.17 -7.34
C VAL A 317 22.22 14.90 -8.63
N SER A 318 21.35 14.91 -9.64
CA SER A 318 21.67 15.58 -10.87
C SER A 318 21.28 17.06 -10.78
N ALA A 319 21.61 17.81 -11.82
CA ALA A 319 21.25 19.23 -11.91
C ALA A 319 19.74 19.46 -11.79
N SER A 320 18.93 18.55 -12.33
CA SER A 320 17.46 18.63 -12.24
C SER A 320 16.88 18.04 -10.98
N LEU A 321 17.75 17.66 -10.04
CA LEU A 321 17.33 17.06 -8.77
C LEU A 321 16.75 15.65 -8.86
N VAL A 322 17.26 14.88 -9.82
CA VAL A 322 16.93 13.47 -9.91
C VAL A 322 17.93 12.75 -9.01
N CYS A 323 17.42 11.87 -8.14
CA CYS A 323 18.25 11.08 -7.24
C CYS A 323 18.53 9.71 -7.84
N LYS A 324 19.78 9.25 -7.69
CA LYS A 324 20.14 7.92 -8.18
C LYS A 324 21.01 7.15 -7.19
N ILE A 325 20.79 5.86 -7.12
CA ILE A 325 21.56 5.02 -6.26
C ILE A 325 22.96 4.76 -6.88
N ALA A 326 24.01 5.05 -6.09
CA ALA A 326 25.40 4.76 -6.47
C ALA A 326 25.95 3.53 -5.73
N ASP A 327 27.05 2.94 -6.24
CA ASP A 327 27.76 1.81 -5.61
C ASP A 327 26.91 0.53 -5.49
N PHE A 328 25.83 0.42 -6.27
CA PHE A 328 25.20 -0.88 -6.38
C PHE A 328 26.19 -1.75 -7.15
N GLY A 329 26.61 -2.86 -6.54
CA GLY A 329 27.65 -3.67 -7.12
C GLY A 329 28.93 -3.59 -6.34
N LEU A 330 29.39 -2.37 -6.04
CA LEU A 330 30.66 -2.18 -5.33
C LEU A 330 30.70 -2.80 -3.95
N ALA A 331 29.67 -2.56 -3.13
CA ALA A 331 29.61 -3.12 -1.78
C ALA A 331 29.49 -4.64 -1.79
N ARG A 332 28.98 -5.19 -2.90
CA ARG A 332 28.89 -6.63 -3.08
C ARG A 332 30.27 -7.20 -3.45
N VAL A 333 31.15 -6.35 -3.96
CA VAL A 333 32.51 -6.76 -4.22
C VAL A 333 33.37 -6.45 -3.00
N ILE A 334 33.44 -5.17 -2.61
CA ILE A 334 34.31 -4.70 -1.54
C ILE A 334 33.62 -4.79 -0.18
N PRO A 348 30.24 1.73 8.41
CA PRO A 348 28.97 2.40 8.70
C PRO A 348 27.97 1.54 9.51
N ILE A 349 28.23 1.33 10.80
CA ILE A 349 27.28 0.53 11.57
C ILE A 349 25.95 1.25 11.89
N LYS A 350 25.91 2.58 11.76
CA LYS A 350 24.72 3.34 12.19
C LYS A 350 23.54 3.20 11.22
N TRP A 351 23.83 2.71 10.01
CA TRP A 351 22.84 2.42 8.97
C TRP A 351 22.59 0.92 8.82
N THR A 352 23.27 0.09 9.60
CA THR A 352 23.20 -1.36 9.39
C THR A 352 22.21 -1.99 10.37
N ALA A 353 21.39 -2.93 9.88
CA ALA A 353 20.49 -3.74 10.73
C ALA A 353 21.26 -4.58 11.74
N PRO A 354 20.66 -4.83 12.92
CA PRO A 354 21.34 -5.60 13.96
C PRO A 354 21.70 -7.04 13.54
N GLU A 355 20.87 -7.68 12.72
CA GLU A 355 21.16 -9.05 12.23
C GLU A 355 22.43 -9.08 11.40
N ALA A 356 22.64 -8.02 10.62
CA ALA A 356 23.74 -7.98 9.69
C ALA A 356 25.03 -7.65 10.46
N ILE A 357 24.92 -6.73 11.42
CA ILE A 357 26.04 -6.46 12.33
C ILE A 357 26.40 -7.73 13.11
N ASN A 358 25.40 -8.39 13.69
CA ASN A 358 25.65 -9.56 14.55
C ASN A 358 26.09 -10.84 13.85
N PHE A 359 25.44 -11.17 12.73
CA PHE A 359 25.68 -12.45 12.07
C PHE A 359 26.11 -12.33 10.60
N GLY A 360 26.21 -11.10 10.11
CA GLY A 360 26.49 -10.87 8.69
C GLY A 360 25.37 -11.33 7.78
N SER A 361 24.12 -11.28 8.27
CA SER A 361 22.97 -11.61 7.41
C SER A 361 22.50 -10.37 6.68
N PHE A 362 23.15 -10.05 5.57
CA PHE A 362 22.65 -9.01 4.69
C PHE A 362 21.60 -9.60 3.73
N THR A 363 20.40 -9.02 3.74
CA THR A 363 19.30 -9.44 2.86
C THR A 363 18.61 -8.16 2.38
N ILE A 364 17.59 -8.24 1.53
CA ILE A 364 16.82 -7.05 1.18
C ILE A 364 16.18 -6.41 2.43
N LYS A 365 15.88 -7.21 3.45
CA LYS A 365 15.36 -6.71 4.69
C LYS A 365 16.35 -5.84 5.49
N SER A 366 17.64 -6.13 5.42
CA SER A 366 18.58 -5.27 6.08
C SER A 366 18.74 -3.94 5.28
N ASP A 367 18.51 -3.97 3.96
CA ASP A 367 18.48 -2.74 3.14
C ASP A 367 17.29 -1.86 3.53
N VAL A 368 16.12 -2.48 3.75
CA VAL A 368 14.93 -1.78 4.25
C VAL A 368 15.22 -1.04 5.59
N TRP A 369 15.86 -1.73 6.51
CA TRP A 369 16.37 -1.05 7.73
C TRP A 369 17.20 0.21 7.40
N SER A 370 18.22 0.05 6.55
CA SER A 370 19.11 1.17 6.16
C SER A 370 18.30 2.31 5.55
N PHE A 371 17.26 1.93 4.83
CA PHE A 371 16.40 2.89 4.18
C PHE A 371 15.69 3.75 5.20
N GLY A 372 15.23 3.15 6.32
CA GLY A 372 14.59 3.88 7.40
C GLY A 372 15.54 4.96 7.91
N ILE A 373 16.79 4.59 8.15
CA ILE A 373 17.83 5.51 8.62
C ILE A 373 18.05 6.64 7.59
N LEU A 374 18.09 6.28 6.31
CA LEU A 374 18.32 7.27 5.24
C LEU A 374 17.15 8.26 5.22
N LEU A 375 15.91 7.78 5.37
CA LEU A 375 14.74 8.66 5.48
C LEU A 375 14.90 9.70 6.58
N MET A 376 15.41 9.26 7.73
CA MET A 376 15.70 10.18 8.82
C MET A 376 16.83 11.15 8.46
N GLU A 377 17.87 10.65 7.79
CA GLU A 377 18.94 11.54 7.28
C GLU A 377 18.35 12.63 6.39
N ILE A 378 17.44 12.25 5.50
CA ILE A 378 16.81 13.20 4.56
C ILE A 378 15.95 14.23 5.29
N VAL A 379 15.12 13.77 6.23
CA VAL A 379 14.25 14.65 6.98
C VAL A 379 14.99 15.63 7.91
N THR A 380 16.18 15.22 8.38
CA THR A 380 17.05 16.07 9.21
C THR A 380 18.15 16.80 8.41
N TYR A 381 17.97 16.92 7.08
CA TYR A 381 18.93 17.63 6.23
C TYR A 381 20.37 17.13 6.42
N GLY A 382 20.56 15.80 6.48
CA GLY A 382 21.89 15.20 6.59
C GLY A 382 22.55 15.18 7.95
N ARG A 383 21.78 15.42 9.00
CA ARG A 383 22.27 15.19 10.34
C ARG A 383 22.67 13.71 10.44
N ILE A 384 23.75 13.47 11.18
CA ILE A 384 24.28 12.13 11.47
C ILE A 384 23.24 11.37 12.27
N PRO A 385 23.06 10.05 12.00
CA PRO A 385 22.14 9.24 12.81
C PRO A 385 22.61 9.11 14.25
N TYR A 386 21.67 8.96 15.18
CA TYR A 386 21.97 8.81 16.62
C TYR A 386 23.00 9.84 17.09
N PRO A 387 22.66 11.15 16.98
CA PRO A 387 23.64 12.21 17.21
C PRO A 387 24.18 12.15 18.65
N GLY A 388 25.50 12.19 18.78
CA GLY A 388 26.19 12.16 20.08
C GLY A 388 26.31 10.79 20.73
N MET A 389 25.96 9.74 19.99
CA MET A 389 26.15 8.36 20.45
C MET A 389 27.22 7.69 19.60
N SER A 390 28.03 6.84 20.23
CA SER A 390 29.07 6.10 19.53
C SER A 390 28.50 4.82 18.96
N ASN A 391 29.26 4.17 18.09
CA ASN A 391 28.89 2.87 17.55
C ASN A 391 28.48 1.83 18.62
N PRO A 392 29.34 1.57 19.62
CA PRO A 392 28.98 0.71 20.77
C PRO A 392 27.71 1.10 21.52
N GLU A 393 27.51 2.40 21.76
CA GLU A 393 26.26 2.86 22.40
C GLU A 393 25.04 2.51 21.54
N VAL A 394 25.14 2.74 20.23
CA VAL A 394 24.03 2.47 19.33
C VAL A 394 23.67 0.99 19.38
N ILE A 395 24.66 0.11 19.24
CA ILE A 395 24.47 -1.34 19.29
C ILE A 395 23.77 -1.84 20.57
N ARG A 396 24.22 -1.34 21.72
CA ARG A 396 23.60 -1.71 23.00
C ARG A 396 22.19 -1.12 23.14
N ALA A 397 22.01 0.13 22.72
CA ALA A 397 20.69 0.78 22.75
C ALA A 397 19.66 0.03 21.89
N LEU A 398 20.06 -0.38 20.69
CA LEU A 398 19.15 -1.03 19.76
C LEU A 398 18.64 -2.36 20.31
N GLU A 399 19.53 -3.11 20.93
CA GLU A 399 19.18 -4.37 21.59
C GLU A 399 18.15 -4.13 22.70
N ARG A 400 18.15 -2.92 23.28
CA ARG A 400 17.16 -2.56 24.32
C ARG A 400 15.79 -2.15 23.78
N GLY A 401 15.72 -1.83 22.50
CA GLY A 401 14.47 -1.35 21.90
C GLY A 401 14.50 0.13 21.59
N TYR A 402 15.66 0.77 21.77
CA TYR A 402 15.78 2.18 21.40
C TYR A 402 15.70 2.39 19.87
N ARG A 403 15.01 3.45 19.49
CA ARG A 403 14.92 3.92 18.11
C ARG A 403 15.02 5.44 18.19
N MET A 404 15.61 6.09 17.18
CA MET A 404 15.65 7.55 17.14
C MET A 404 14.25 8.12 17.29
N PRO A 405 14.11 9.27 17.98
CA PRO A 405 12.77 9.85 18.10
C PRO A 405 12.38 10.67 16.88
N ARG A 406 11.10 10.98 16.75
CA ARG A 406 10.61 11.80 15.65
C ARG A 406 11.12 13.22 15.73
N PRO A 407 11.85 13.68 14.70
CA PRO A 407 12.28 15.07 14.71
C PRO A 407 11.11 16.02 14.44
N GLU A 408 11.39 17.32 14.50
CA GLU A 408 10.36 18.37 14.57
C GLU A 408 9.51 18.58 13.31
N ASN A 409 10.11 18.48 12.14
CA ASN A 409 9.41 18.77 10.90
C ASN A 409 8.98 17.50 10.18
N CYS A 410 8.75 16.44 10.93
CA CYS A 410 8.51 15.13 10.36
C CYS A 410 7.09 14.72 10.70
N PRO A 411 6.23 14.51 9.68
CA PRO A 411 4.89 13.96 9.91
C PRO A 411 4.90 12.62 10.67
N GLU A 412 3.88 12.39 11.51
CA GLU A 412 3.72 11.13 12.23
C GLU A 412 3.73 9.92 11.33
N GLU A 413 3.03 10.04 10.19
CA GLU A 413 2.93 8.92 9.25
C GLU A 413 4.25 8.64 8.53
N LEU A 414 5.10 9.64 8.37
CA LEU A 414 6.44 9.35 7.77
C LEU A 414 7.29 8.63 8.82
N TYR A 415 7.15 9.05 10.06
CA TYR A 415 7.81 8.39 11.17
C TYR A 415 7.39 6.93 11.38
N ASN A 416 6.10 6.65 11.22
CA ASN A 416 5.64 5.26 11.28
C ASN A 416 6.23 4.37 10.17
N ILE A 417 6.53 4.94 8.99
CA ILE A 417 7.26 4.20 7.94
C ILE A 417 8.66 3.81 8.44
N MET A 418 9.42 4.80 8.92
CA MET A 418 10.74 4.57 9.53
C MET A 418 10.73 3.43 10.54
N MET A 419 9.78 3.52 11.49
CA MET A 419 9.57 2.51 12.53
C MET A 419 9.30 1.11 12.04
N ARG A 420 8.44 0.98 11.02
CA ARG A 420 8.30 -0.30 10.32
C ARG A 420 9.59 -0.81 9.68
N CYS A 421 10.43 0.11 9.15
CA CYS A 421 11.73 -0.28 8.59
C CYS A 421 12.65 -0.84 9.66
N TRP A 422 12.46 -0.36 10.90
CA TRP A 422 13.34 -0.70 12.04
C TRP A 422 12.82 -1.81 12.96
N LYS A 423 11.93 -2.68 12.46
CA LYS A 423 11.45 -3.83 13.23
C LYS A 423 12.62 -4.74 13.54
N ASN A 424 12.60 -5.37 14.70
CA ASN A 424 13.70 -6.28 15.08
C ASN A 424 13.67 -7.52 14.20
N ARG A 425 12.47 -7.99 13.89
CA ARG A 425 12.29 -9.14 13.00
C ARG A 425 12.25 -8.68 11.54
N PRO A 426 13.26 -9.09 10.76
CA PRO A 426 13.43 -8.58 9.39
C PRO A 426 12.21 -8.91 8.54
N GLU A 427 11.61 -10.08 8.77
CA GLU A 427 10.46 -10.48 7.97
C GLU A 427 9.21 -9.58 8.16
N GLU A 428 9.16 -8.84 9.26
CA GLU A 428 8.08 -7.90 9.54
C GLU A 428 8.29 -6.50 8.93
N ARG A 429 9.41 -6.30 8.24
CA ARG A 429 9.73 -4.99 7.64
C ARG A 429 9.03 -4.93 6.28
N PRO A 430 8.52 -3.76 5.86
CA PRO A 430 7.81 -3.65 4.57
C PRO A 430 8.70 -4.03 3.38
N THR A 431 8.11 -4.17 2.20
CA THR A 431 8.89 -4.29 0.98
C THR A 431 9.12 -2.87 0.41
N PHE A 432 10.14 -2.75 -0.42
CA PHE A 432 10.39 -1.49 -1.12
C PHE A 432 9.23 -1.16 -2.06
N GLU A 433 8.64 -2.21 -2.67
CA GLU A 433 7.52 -2.04 -3.61
C GLU A 433 6.42 -1.29 -2.83
N TYR A 434 6.18 -1.75 -1.61
CA TYR A 434 5.21 -1.12 -0.76
C TYR A 434 5.61 0.28 -0.26
N ILE A 435 6.85 0.45 0.20
CA ILE A 435 7.33 1.78 0.61
C ILE A 435 7.20 2.77 -0.56
N GLN A 436 7.60 2.33 -1.76
CA GLN A 436 7.58 3.18 -2.94
C GLN A 436 6.18 3.69 -3.19
N SER A 437 5.20 2.78 -3.14
CA SER A 437 3.80 3.12 -3.37
C SER A 437 3.28 4.08 -2.30
N VAL A 438 3.65 3.91 -1.03
CA VAL A 438 3.21 4.82 0.01
C VAL A 438 3.88 6.22 -0.15
N LEU A 439 5.18 6.23 -0.40
CA LEU A 439 5.90 7.50 -0.61
C LEU A 439 5.44 8.27 -1.86
N ASP A 440 5.21 7.57 -2.98
CA ASP A 440 4.76 8.23 -4.23
C ASP A 440 3.43 8.99 -4.03
N ASP A 441 2.49 8.37 -3.34
CA ASP A 441 1.16 8.96 -3.19
C ASP A 441 0.90 9.45 -1.75
N PHE A 442 1.98 9.85 -1.07
CA PHE A 442 1.92 10.24 0.35
C PHE A 442 0.86 11.31 0.63
N TYR A 443 0.60 12.21 -0.34
CA TYR A 443 -0.38 13.32 -0.13
C TYR A 443 -1.67 13.12 -0.90
N THR A 444 -1.82 11.96 -1.54
CA THR A 444 -2.95 11.70 -2.43
C THR A 444 -3.76 10.47 -1.98
N ALA A 445 -5.05 10.68 -1.69
CA ALA A 445 -5.99 9.59 -1.46
C ALA A 445 -6.04 8.76 -2.72
N THR A 446 -6.05 7.44 -2.57
CA THR A 446 -6.24 6.52 -3.70
C THR A 446 -7.38 6.91 -4.63
N GLU A 447 -8.56 7.14 -4.07
CA GLU A 447 -9.73 7.50 -4.87
C GLU A 447 -9.47 8.71 -5.74
N SER A 448 -8.46 9.48 -5.37
CA SER A 448 -8.15 10.75 -6.03
C SER A 448 -7.02 10.76 -7.05
N GLN A 449 -6.38 9.63 -7.31
CA GLN A 449 -5.28 9.59 -8.30
C GLN A 449 -5.75 10.13 -9.65
N PTR A 450 -6.87 9.60 -10.14
CA PTR A 450 -7.52 10.10 -11.34
C PTR A 450 -8.74 10.98 -11.02
O PTR A 450 -9.52 10.70 -10.10
CB PTR A 450 -7.84 8.93 -12.30
CG PTR A 450 -6.56 8.47 -12.96
CD1 PTR A 450 -6.17 8.99 -14.18
CD2 PTR A 450 -5.67 7.59 -12.31
CE1 PTR A 450 -4.95 8.64 -14.77
CE2 PTR A 450 -4.46 7.22 -12.90
CZ PTR A 450 -4.11 7.74 -14.14
OH PTR A 450 -3.03 7.48 -14.69
P PTR A 450 -2.57 6.12 -15.44
O1P PTR A 450 -2.50 4.96 -14.54
O2P PTR A 450 -1.14 6.34 -15.97
O3P PTR A 450 -3.54 5.86 -16.60
N GLU A 451 -8.88 12.07 -11.77
CA GLU A 451 -10.07 12.91 -11.69
C GLU A 451 -11.25 12.20 -12.32
N GLU A 452 -12.43 12.64 -11.95
CA GLU A 452 -13.65 12.05 -12.44
C GLU A 452 -14.41 13.18 -13.10
N ILE A 453 -14.67 13.05 -14.39
CA ILE A 453 -15.66 13.90 -15.04
C ILE A 453 -16.72 13.09 -15.82
N PRO A 454 -17.96 13.08 -15.30
CA PRO A 454 -19.19 12.52 -15.90
C PRO A 454 -19.46 12.91 -17.36
N ARG B 8 -6.70 -11.93 45.70
CA ARG B 8 -7.97 -11.15 45.69
C ARG B 8 -7.96 -10.16 44.52
N ILE B 9 -8.73 -10.49 43.48
CA ILE B 9 -8.89 -9.66 42.31
C ILE B 9 -10.36 -9.20 42.22
N ILE B 10 -10.59 -7.90 42.31
CA ILE B 10 -11.94 -7.34 42.18
C ILE B 10 -12.18 -6.77 40.77
N VAL B 11 -13.10 -7.39 40.04
CA VAL B 11 -13.53 -6.81 38.80
C VAL B 11 -14.82 -6.02 38.97
N VAL B 12 -15.22 -5.28 37.94
CA VAL B 12 -16.46 -4.50 37.97
C VAL B 12 -17.27 -4.72 36.69
N ALA B 13 -18.59 -4.82 36.85
CA ALA B 13 -19.49 -4.92 35.70
C ALA B 13 -19.45 -3.70 34.78
N LEU B 14 -19.16 -3.95 33.51
CA LEU B 14 -19.21 -2.92 32.48
C LEU B 14 -20.59 -2.76 31.85
N TYR B 15 -21.38 -3.83 31.87
CA TYR B 15 -22.73 -3.85 31.31
C TYR B 15 -23.68 -4.66 32.21
N ASP B 16 -24.98 -4.34 32.19
CA ASP B 16 -26.02 -5.22 32.75
C ASP B 16 -25.95 -6.59 32.05
N TYR B 17 -26.26 -7.64 32.79
CA TYR B 17 -26.26 -9.01 32.27
C TYR B 17 -27.32 -9.83 32.98
N GLU B 18 -28.28 -10.32 32.21
CA GLU B 18 -29.30 -11.26 32.69
C GLU B 18 -28.83 -12.68 32.41
N ALA B 19 -28.63 -13.44 33.48
CA ALA B 19 -28.22 -14.85 33.44
C ALA B 19 -29.23 -15.64 32.63
N ILE B 20 -28.75 -16.68 31.95
CA ILE B 20 -29.60 -17.51 31.09
C ILE B 20 -29.23 -19.00 31.19
N HIS B 21 -28.10 -19.31 31.82
CA HIS B 21 -27.70 -20.72 31.92
C HIS B 21 -28.04 -21.28 33.33
N HIS B 22 -27.44 -22.41 33.72
CA HIS B 22 -27.69 -22.96 35.05
C HIS B 22 -26.88 -22.32 36.19
N GLU B 23 -25.61 -22.04 35.93
CA GLU B 23 -24.68 -21.58 36.96
C GLU B 23 -24.12 -20.17 36.71
N ASP B 24 -24.66 -19.46 35.73
CA ASP B 24 -24.26 -18.08 35.47
C ASP B 24 -25.00 -17.09 36.39
N LEU B 25 -24.35 -15.96 36.66
CA LEU B 25 -24.86 -14.94 37.59
C LEU B 25 -25.40 -13.77 36.82
N SER B 26 -26.53 -13.22 37.26
CA SER B 26 -27.05 -11.95 36.73
C SER B 26 -26.33 -10.83 37.45
N PHE B 27 -26.05 -9.73 36.74
CA PHE B 27 -25.52 -8.51 37.39
C PHE B 27 -25.97 -7.18 36.76
N GLN B 28 -25.73 -6.07 37.45
CA GLN B 28 -25.96 -4.76 36.85
C GLN B 28 -24.67 -4.00 36.67
N LYS B 29 -24.63 -3.13 35.67
CA LYS B 29 -23.53 -2.18 35.48
C LYS B 29 -23.13 -1.51 36.81
N GLY B 30 -21.85 -1.58 37.14
CA GLY B 30 -21.31 -0.96 38.35
C GLY B 30 -21.12 -1.96 39.48
N ASP B 31 -21.84 -3.09 39.41
CA ASP B 31 -21.69 -4.20 40.35
C ASP B 31 -20.28 -4.76 40.41
N GLN B 32 -19.81 -5.02 41.63
CA GLN B 32 -18.47 -5.58 41.84
C GLN B 32 -18.50 -7.06 42.23
N MET B 33 -17.39 -7.75 41.93
CA MET B 33 -17.31 -9.18 42.10
C MET B 33 -15.86 -9.58 42.37
N VAL B 34 -15.68 -10.72 43.02
CA VAL B 34 -14.35 -11.27 43.30
C VAL B 34 -14.14 -12.44 42.34
N VAL B 35 -13.01 -12.44 41.66
CA VAL B 35 -12.74 -13.52 40.70
C VAL B 35 -12.22 -14.73 41.45
N LEU B 36 -12.87 -15.87 41.26
CA LEU B 36 -12.46 -17.11 41.91
C LEU B 36 -11.63 -17.99 40.99
N GLU B 37 -11.84 -17.84 39.68
CA GLU B 37 -11.24 -18.73 38.70
C GLU B 37 -11.26 -18.02 37.38
N GLU B 38 -10.18 -18.10 36.60
CA GLU B 38 -10.13 -17.40 35.32
C GLU B 38 -10.16 -18.35 34.13
N SER B 39 -11.23 -19.14 34.04
CA SER B 39 -11.34 -20.21 33.04
C SER B 39 -11.70 -19.74 31.62
N GLY B 40 -10.97 -18.73 31.13
CA GLY B 40 -11.13 -18.22 29.76
C GLY B 40 -12.30 -17.28 29.58
N GLU B 41 -13.25 -17.67 28.73
CA GLU B 41 -14.38 -16.81 28.34
C GLU B 41 -15.39 -16.61 29.48
N TRP B 42 -15.47 -17.58 30.36
CA TRP B 42 -16.31 -17.43 31.53
C TRP B 42 -15.44 -17.47 32.76
N TRP B 43 -15.65 -16.52 33.66
CA TRP B 43 -14.94 -16.54 34.95
C TRP B 43 -15.86 -16.97 36.08
N LYS B 44 -15.34 -17.73 37.04
CA LYS B 44 -16.08 -18.02 38.27
C LYS B 44 -15.85 -16.87 39.23
N ALA B 45 -16.94 -16.25 39.68
CA ALA B 45 -16.86 -15.08 40.55
C ALA B 45 -17.90 -15.11 41.66
N ARG B 46 -17.68 -14.30 42.71
CA ARG B 46 -18.68 -14.03 43.75
C ARG B 46 -19.14 -12.57 43.71
N SER B 47 -20.42 -12.35 43.54
CA SER B 47 -20.95 -10.99 43.52
C SER B 47 -20.93 -10.35 44.90
N LEU B 48 -20.37 -9.15 44.99
CA LEU B 48 -20.31 -8.42 46.24
C LEU B 48 -21.67 -7.86 46.65
N ALA B 49 -22.57 -7.70 45.68
CA ALA B 49 -23.94 -7.25 45.99
C ALA B 49 -24.88 -8.38 46.43
N THR B 50 -24.74 -9.58 45.86
CA THR B 50 -25.62 -10.72 46.19
C THR B 50 -24.99 -11.82 47.05
N ARG B 51 -23.65 -11.94 46.98
CA ARG B 51 -22.86 -12.97 47.69
C ARG B 51 -22.96 -14.33 46.96
N LYS B 52 -23.60 -14.30 45.78
CA LYS B 52 -23.77 -15.49 44.96
C LYS B 52 -22.49 -15.78 44.19
N GLU B 53 -22.12 -17.06 44.18
CA GLU B 53 -21.01 -17.56 43.37
C GLU B 53 -21.56 -18.22 42.09
N GLY B 54 -20.90 -17.92 40.97
CA GLY B 54 -21.31 -18.46 39.67
C GLY B 54 -20.46 -17.95 38.53
N TYR B 55 -20.89 -18.22 37.29
CA TYR B 55 -20.11 -17.85 36.08
C TYR B 55 -20.53 -16.54 35.46
N ILE B 56 -19.54 -15.76 35.06
CA ILE B 56 -19.77 -14.48 34.40
C ILE B 56 -18.98 -14.41 33.08
N PRO B 57 -19.49 -13.66 32.08
CA PRO B 57 -18.73 -13.53 30.84
C PRO B 57 -17.55 -12.60 31.10
N SER B 58 -16.34 -13.11 30.91
CA SER B 58 -15.15 -12.34 31.17
C SER B 58 -15.06 -11.07 30.31
N ASN B 59 -15.81 -11.02 29.20
CA ASN B 59 -15.86 -9.84 28.31
C ASN B 59 -16.79 -8.74 28.84
N TYR B 60 -17.53 -9.06 29.91
CA TYR B 60 -18.47 -8.12 30.51
C TYR B 60 -17.91 -7.28 31.64
N VAL B 61 -16.70 -7.59 32.07
CA VAL B 61 -16.12 -7.01 33.28
C VAL B 61 -14.70 -6.52 33.05
N ALA B 62 -14.24 -5.64 33.92
CA ALA B 62 -12.85 -5.18 33.92
C ALA B 62 -12.38 -4.94 35.34
N ARG B 63 -11.07 -4.95 35.54
CA ARG B 63 -10.46 -4.59 36.82
C ARG B 63 -10.95 -3.23 37.27
N VAL B 64 -11.19 -3.11 38.57
CA VAL B 64 -11.68 -1.87 39.18
C VAL B 64 -10.69 -0.73 38.88
N ASP B 65 -11.25 0.44 38.61
CA ASP B 65 -10.51 1.68 38.31
C ASP B 65 -9.50 1.60 37.14
N SER B 66 -9.54 0.51 36.36
CA SER B 66 -8.74 0.41 35.13
C SER B 66 -9.42 1.20 34.03
N LEU B 67 -8.67 1.51 32.96
CA LEU B 67 -9.15 2.40 31.90
C LEU B 67 -10.40 1.87 31.19
N GLU B 68 -10.48 0.57 30.97
CA GLU B 68 -11.67 -0.04 30.36
C GLU B 68 -12.99 0.35 31.09
N THR B 69 -12.87 0.83 32.32
CA THR B 69 -14.07 1.20 33.11
C THR B 69 -14.60 2.60 32.78
N GLU B 70 -13.83 3.38 32.01
CA GLU B 70 -14.23 4.73 31.66
C GLU B 70 -15.10 4.66 30.43
N GLU B 71 -16.16 5.47 30.41
CA GLU B 71 -17.13 5.45 29.31
C GLU B 71 -16.49 5.91 27.99
N TRP B 72 -15.46 6.73 28.09
CA TRP B 72 -14.78 7.26 26.90
C TRP B 72 -13.60 6.41 26.40
N PHE B 73 -13.26 5.35 27.12
CA PHE B 73 -12.15 4.51 26.69
C PHE B 73 -12.61 3.29 25.92
N PHE B 74 -11.95 2.98 24.79
CA PHE B 74 -12.31 1.78 24.04
C PHE B 74 -11.08 0.93 23.72
N LYS B 75 -10.98 -0.21 24.39
CA LYS B 75 -9.81 -1.08 24.31
C LYS B 75 -9.76 -1.83 22.99
N GLY B 76 -8.55 -1.99 22.45
CA GLY B 76 -8.33 -2.84 21.28
C GLY B 76 -8.98 -2.41 19.98
N ILE B 77 -9.33 -1.13 19.87
CA ILE B 77 -10.01 -0.58 18.68
C ILE B 77 -8.98 0.14 17.81
N SER B 78 -8.90 -0.28 16.55
CA SER B 78 -7.99 0.29 15.54
C SER B 78 -8.53 1.61 14.99
N ARG B 79 -7.70 2.34 14.24
CA ARG B 79 -8.09 3.66 13.74
C ARG B 79 -9.39 3.58 12.94
N LYS B 80 -9.47 2.57 12.09
CA LYS B 80 -10.57 2.38 11.14
C LYS B 80 -11.85 1.94 11.80
N ASP B 81 -11.74 1.05 12.77
CA ASP B 81 -12.92 0.63 13.53
C ASP B 81 -13.47 1.77 14.34
N ALA B 82 -12.58 2.63 14.80
CA ALA B 82 -12.94 3.81 15.55
C ALA B 82 -13.76 4.75 14.67
N GLU B 83 -13.28 4.95 13.44
CA GLU B 83 -14.02 5.60 12.35
C GLU B 83 -15.41 5.01 12.14
N ARG B 84 -15.44 3.69 11.91
CA ARG B 84 -16.71 2.95 11.76
C ARG B 84 -17.67 3.15 12.90
N GLN B 85 -17.19 2.98 14.13
CA GLN B 85 -18.07 3.08 15.30
C GLN B 85 -18.58 4.51 15.50
N LEU B 86 -17.75 5.50 15.18
CA LEU B 86 -18.13 6.90 15.40
C LEU B 86 -19.05 7.45 14.32
N LEU B 87 -19.00 6.87 13.13
CA LEU B 87 -19.87 7.30 12.03
C LEU B 87 -21.24 6.59 12.03
N ALA B 88 -21.40 5.61 12.92
CA ALA B 88 -22.64 4.85 13.03
C ALA B 88 -23.73 5.63 13.79
N PRO B 89 -25.02 5.39 13.46
CA PRO B 89 -26.16 5.98 14.18
C PRO B 89 -25.98 6.16 15.70
N GLY B 90 -26.35 7.34 16.19
CA GLY B 90 -26.38 7.62 17.63
C GLY B 90 -25.38 8.67 18.08
N ASN B 91 -24.47 9.03 17.18
CA ASN B 91 -23.37 9.93 17.50
C ASN B 91 -23.60 11.30 16.87
N MET B 92 -22.89 12.32 17.36
CA MET B 92 -23.04 13.69 16.86
C MET B 92 -21.67 14.37 16.76
N LEU B 93 -21.67 15.66 16.43
CA LEU B 93 -20.44 16.45 16.41
C LEU B 93 -19.72 16.40 17.75
N GLY B 94 -18.45 16.00 17.72
CA GLY B 94 -17.61 15.96 18.90
C GLY B 94 -17.71 14.70 19.73
N SER B 95 -18.42 13.70 19.21
CA SER B 95 -18.37 12.37 19.82
C SER B 95 -16.92 11.89 19.73
N PHE B 96 -16.47 11.19 20.76
CA PHE B 96 -15.06 10.85 20.85
C PHE B 96 -14.86 9.52 21.56
N MET B 97 -13.66 8.98 21.37
CA MET B 97 -13.13 7.94 22.25
C MET B 97 -11.62 8.17 22.42
N ILE B 98 -11.08 7.71 23.53
CA ILE B 98 -9.67 7.40 23.67
C ILE B 98 -9.61 5.91 23.44
N ARG B 99 -8.57 5.43 22.80
CA ARG B 99 -8.44 4.03 22.45
C ARG B 99 -6.96 3.68 22.47
N ASP B 100 -6.61 2.40 22.38
CA ASP B 100 -5.21 1.99 22.20
C ASP B 100 -4.71 2.41 20.79
N SER B 101 -3.53 3.02 20.76
CA SER B 101 -2.91 3.37 19.50
C SER B 101 -2.50 2.10 18.79
N GLU B 102 -2.94 1.99 17.55
CA GLU B 102 -2.64 0.85 16.68
C GLU B 102 -1.15 0.84 16.27
N THR B 103 -0.61 2.01 15.91
CA THR B 103 0.73 2.12 15.37
C THR B 103 1.80 2.42 16.39
N THR B 104 1.41 2.86 17.59
CA THR B 104 2.37 3.14 18.67
C THR B 104 2.05 2.32 19.92
N LYS B 105 2.41 1.04 19.87
CA LYS B 105 2.11 0.06 20.96
C LYS B 105 2.38 0.59 22.37
N GLY B 106 1.36 0.50 23.22
CA GLY B 106 1.47 0.93 24.62
C GLY B 106 1.07 2.38 24.83
N SER B 107 0.74 3.07 23.74
CA SER B 107 0.27 4.46 23.79
C SER B 107 -1.21 4.55 23.38
N TYR B 108 -1.77 5.76 23.49
CA TYR B 108 -3.19 6.06 23.29
C TYR B 108 -3.45 7.05 22.17
N SER B 109 -4.66 7.02 21.61
CA SER B 109 -5.04 7.96 20.57
C SER B 109 -6.44 8.48 20.81
N LEU B 110 -6.68 9.70 20.38
CA LEU B 110 -8.00 10.30 20.47
C LEU B 110 -8.66 10.35 19.09
N SER B 111 -9.88 9.83 18.98
CA SER B 111 -10.69 9.98 17.78
C SER B 111 -11.92 10.86 18.07
N VAL B 112 -12.13 11.86 17.21
CA VAL B 112 -13.24 12.83 17.36
C VAL B 112 -14.08 12.94 16.08
N ARG B 113 -15.40 13.00 16.28
CA ARG B 113 -16.30 13.31 15.18
C ARG B 113 -16.25 14.79 14.82
N ASP B 114 -16.04 15.01 13.53
CA ASP B 114 -15.80 16.31 12.94
C ASP B 114 -16.77 16.43 11.75
N TYR B 115 -16.94 17.66 11.25
CA TYR B 115 -17.71 17.90 10.04
C TYR B 115 -17.16 19.07 9.23
N ASP B 116 -17.28 18.92 7.92
CA ASP B 116 -16.78 19.92 7.00
C ASP B 116 -17.65 19.97 5.74
N PRO B 117 -18.02 21.19 5.31
CA PRO B 117 -18.84 21.41 4.10
C PRO B 117 -18.31 20.68 2.87
N ARG B 118 -16.99 20.68 2.69
CA ARG B 118 -16.33 20.01 1.56
C ARG B 118 -16.39 18.47 1.65
N GLN B 119 -15.91 17.93 2.77
CA GLN B 119 -15.74 16.48 2.95
C GLN B 119 -16.92 15.73 3.57
N GLY B 120 -17.83 16.47 4.20
CA GLY B 120 -18.94 15.86 4.93
C GLY B 120 -18.47 15.37 6.30
N ASP B 121 -19.27 14.52 6.93
CA ASP B 121 -18.96 13.97 8.26
C ASP B 121 -17.71 13.12 8.25
N THR B 122 -16.74 13.47 9.11
CA THR B 122 -15.47 12.73 9.19
C THR B 122 -15.05 12.42 10.63
N VAL B 123 -14.03 11.59 10.77
CA VAL B 123 -13.41 11.35 12.07
C VAL B 123 -11.99 11.84 11.99
N LYS B 124 -11.55 12.59 12.97
CA LYS B 124 -10.15 12.99 13.07
C LYS B 124 -9.48 12.22 14.20
N HIS B 125 -8.18 11.96 14.07
CA HIS B 125 -7.41 11.15 15.01
C HIS B 125 -6.19 11.93 15.46
N TYR B 126 -5.94 11.91 16.77
CA TYR B 126 -4.79 12.64 17.30
C TYR B 126 -4.01 11.72 18.19
N LYS B 127 -2.70 11.70 18.02
CA LYS B 127 -1.88 10.91 18.90
C LYS B 127 -1.82 11.55 20.27
N ILE B 128 -1.94 10.72 21.31
CA ILE B 128 -1.63 11.14 22.67
C ILE B 128 -0.21 10.69 23.06
N ARG B 129 0.60 11.64 23.56
CA ARG B 129 1.94 11.35 24.05
C ARG B 129 1.96 11.07 25.55
N THR B 130 2.56 9.95 25.93
CA THR B 130 2.60 9.50 27.33
C THR B 130 3.71 10.16 28.14
N GLY B 135 1.39 11.30 33.00
CA GLY B 135 1.41 12.53 32.22
C GLY B 135 1.13 12.26 30.76
N PHE B 136 0.26 13.07 30.16
CA PHE B 136 -0.13 12.91 28.74
C PHE B 136 -0.39 14.27 28.08
N TYR B 137 -0.17 14.34 26.78
CA TYR B 137 -0.52 15.55 26.02
C TYR B 137 -0.82 15.24 24.56
N ILE B 138 -1.62 16.10 23.95
CA ILE B 138 -1.73 16.08 22.49
C ILE B 138 -0.84 17.20 21.95
N SER B 139 -1.03 18.40 22.47
CA SER B 139 -0.17 19.55 22.19
C SER B 139 0.82 19.79 23.35
N PRO B 140 2.14 19.88 23.03
CA PRO B 140 3.22 20.06 24.02
C PRO B 140 3.00 21.19 25.02
N ARG B 141 2.28 22.23 24.63
CA ARG B 141 2.02 23.37 25.52
C ARG B 141 1.02 23.07 26.62
N SER B 142 0.20 22.01 26.42
CA SER B 142 -0.87 21.64 27.37
C SER B 142 -0.79 20.17 27.80
N THR B 143 -0.32 19.99 29.03
CA THR B 143 0.08 18.69 29.56
C THR B 143 -0.86 18.30 30.74
N PHE B 144 -1.08 17.00 30.93
CA PHE B 144 -2.07 16.51 31.92
C PHE B 144 -1.56 15.30 32.72
N SER B 145 -1.95 15.21 33.99
CA SER B 145 -1.55 14.05 34.81
C SER B 145 -2.35 12.79 34.44
N THR B 146 -3.63 12.95 34.15
CA THR B 146 -4.47 11.83 33.71
C THR B 146 -5.18 12.04 32.36
N LEU B 147 -5.64 10.94 31.75
CA LEU B 147 -6.44 11.00 30.53
C LEU B 147 -7.78 11.68 30.80
N GLN B 148 -8.35 11.44 31.98
CA GLN B 148 -9.62 12.05 32.34
C GLN B 148 -9.48 13.58 32.42
N GLU B 149 -8.32 14.04 32.89
CA GLU B 149 -7.97 15.46 32.92
C GLU B 149 -7.81 16.01 31.49
N LEU B 150 -7.20 15.21 30.61
CA LEU B 150 -7.17 15.53 29.18
C LEU B 150 -8.59 15.76 28.62
N VAL B 151 -9.49 14.81 28.84
CA VAL B 151 -10.83 14.90 28.23
C VAL B 151 -11.70 15.99 28.88
N ASP B 152 -11.52 16.24 30.17
CA ASP B 152 -12.26 17.31 30.81
C ASP B 152 -11.85 18.65 30.19
N HIS B 153 -10.55 18.85 29.99
CA HIS B 153 -10.06 20.03 29.28
C HIS B 153 -10.73 20.20 27.91
N TYR B 154 -10.67 19.17 27.06
CA TYR B 154 -11.14 19.31 25.67
C TYR B 154 -12.66 19.36 25.49
N LYS B 155 -13.40 18.93 26.51
CA LYS B 155 -14.84 19.19 26.60
C LYS B 155 -15.14 20.68 26.79
N LYS B 156 -14.23 21.40 27.45
CA LYS B 156 -14.41 22.83 27.73
C LYS B 156 -14.31 23.71 26.49
N GLY B 157 -13.44 23.31 25.54
CA GLY B 157 -13.26 24.03 24.28
C GLY B 157 -12.33 23.27 23.36
N ASN B 158 -12.35 23.61 22.07
CA ASN B 158 -11.46 22.97 21.11
C ASN B 158 -10.13 23.71 21.14
N ASP B 159 -9.22 23.24 21.98
CA ASP B 159 -7.99 23.99 22.25
C ASP B 159 -6.98 23.56 21.20
N GLY B 160 -7.32 23.83 19.92
CA GLY B 160 -6.55 23.37 18.77
C GLY B 160 -7.13 22.15 18.07
N LEU B 161 -8.09 21.48 18.70
CA LEU B 161 -8.76 20.34 18.08
C LEU B 161 -9.72 20.78 16.97
N CYS B 162 -10.00 19.88 16.05
CA CYS B 162 -10.95 20.13 14.97
C CYS B 162 -12.35 20.43 15.53
N GLN B 163 -12.61 19.93 16.74
CA GLN B 163 -13.89 20.05 17.41
C GLN B 163 -13.72 19.86 18.93
N LYS B 164 -14.51 20.57 19.74
CA LYS B 164 -14.50 20.30 21.17
C LYS B 164 -15.29 19.03 21.47
N LEU B 165 -14.86 18.27 22.48
CA LEU B 165 -15.48 16.98 22.76
C LEU B 165 -16.88 17.22 23.31
N SER B 166 -17.85 16.46 22.80
CA SER B 166 -19.21 16.51 23.33
C SER B 166 -19.44 15.29 24.20
N VAL B 167 -19.62 14.12 23.58
CA VAL B 167 -20.02 12.90 24.29
C VAL B 167 -19.20 11.68 23.82
N PRO B 168 -18.94 10.71 24.73
CA PRO B 168 -18.31 9.46 24.27
C PRO B 168 -19.08 8.76 23.14
N CYS B 169 -18.34 8.06 22.28
CA CYS B 169 -18.93 7.21 21.24
C CYS B 169 -19.99 6.30 21.83
N MET B 170 -21.09 6.11 21.10
CA MET B 170 -22.10 5.15 21.52
C MET B 170 -21.49 3.75 21.44
N SER B 171 -21.84 2.93 22.42
CA SER B 171 -21.43 1.55 22.39
C SER B 171 -22.66 0.69 22.66
N SER B 172 -22.53 -0.60 22.40
CA SER B 172 -23.50 -1.57 22.85
C SER B 172 -22.82 -2.73 23.54
N LYS B 173 -23.58 -3.36 24.43
CA LYS B 173 -23.28 -4.62 25.08
C LYS B 173 -22.72 -5.65 24.06
N PRO B 174 -21.61 -6.34 24.39
CA PRO B 174 -20.99 -7.30 23.47
C PRO B 174 -21.79 -8.60 23.33
N GLN B 175 -21.46 -9.40 22.33
CA GLN B 175 -22.08 -10.71 22.12
C GLN B 175 -21.77 -11.54 23.35
N LYS B 176 -22.78 -12.27 23.84
CA LYS B 176 -22.59 -13.17 24.96
C LYS B 176 -21.67 -14.27 24.46
N PRO B 177 -20.73 -14.73 25.30
CA PRO B 177 -19.96 -15.87 24.81
C PRO B 177 -20.83 -17.14 24.87
N TRP B 178 -20.53 -18.11 24.02
CA TRP B 178 -21.27 -19.38 24.00
C TRP B 178 -21.10 -20.03 25.36
N GLU B 179 -22.13 -20.78 25.78
CA GLU B 179 -22.07 -21.59 27.00
C GLU B 179 -20.72 -22.30 27.20
N LYS B 180 -20.33 -22.37 28.47
CA LYS B 180 -19.12 -23.05 28.93
C LYS B 180 -19.11 -24.55 28.63
N ASP B 181 -18.00 -25.02 28.06
CA ASP B 181 -17.75 -26.43 27.72
C ASP B 181 -18.90 -27.09 26.97
N ALA B 182 -19.48 -26.35 26.04
CA ALA B 182 -20.68 -26.79 25.32
C ALA B 182 -20.41 -26.75 23.80
N TRP B 183 -19.32 -27.42 23.42
CA TRP B 183 -18.87 -27.60 22.04
C TRP B 183 -19.65 -28.72 21.31
N GLU B 184 -19.73 -29.89 21.95
CA GLU B 184 -20.56 -30.97 21.47
C GLU B 184 -21.84 -30.94 22.29
N ILE B 185 -22.96 -30.64 21.61
CA ILE B 185 -24.23 -30.52 22.29
C ILE B 185 -25.11 -31.69 21.85
N PRO B 186 -26.09 -32.08 22.69
CA PRO B 186 -27.03 -33.06 22.22
C PRO B 186 -27.99 -32.41 21.22
N ARG B 187 -28.59 -33.20 20.35
CA ARG B 187 -29.54 -32.65 19.40
C ARG B 187 -30.77 -32.10 20.13
N GLU B 188 -31.10 -32.69 21.29
CA GLU B 188 -32.27 -32.30 22.08
C GLU B 188 -32.24 -30.82 22.49
N SER B 189 -31.04 -30.29 22.73
CA SER B 189 -30.85 -28.86 23.07
C SER B 189 -31.34 -27.88 21.99
N LEU B 190 -31.53 -28.38 20.78
CA LEU B 190 -31.93 -27.57 19.63
C LEU B 190 -33.41 -27.70 19.30
N LYS B 191 -33.99 -26.60 18.81
CA LYS B 191 -35.25 -26.59 18.09
C LYS B 191 -34.94 -25.81 16.79
N LEU B 192 -35.03 -26.47 15.64
CA LEU B 192 -34.85 -25.81 14.33
C LEU B 192 -36.20 -25.26 13.87
N GLU B 193 -36.31 -23.94 13.83
CA GLU B 193 -37.61 -23.25 13.79
C GLU B 193 -38.07 -22.77 12.40
N LYS B 194 -37.13 -22.49 11.51
CA LYS B 194 -37.47 -21.96 10.19
C LYS B 194 -36.35 -22.35 9.24
N LYS B 195 -36.71 -23.05 8.18
CA LYS B 195 -35.74 -23.38 7.14
C LYS B 195 -35.47 -22.12 6.34
N LEU B 196 -34.19 -21.78 6.25
CA LEU B 196 -33.78 -20.61 5.50
C LEU B 196 -33.32 -20.97 4.08
N GLY B 197 -32.69 -22.14 3.94
CA GLY B 197 -32.11 -22.57 2.65
C GLY B 197 -31.86 -24.06 2.61
N ALA B 198 -31.81 -24.62 1.40
CA ALA B 198 -31.68 -26.07 1.19
C ALA B 198 -30.94 -26.39 -0.11
N GLY B 199 -29.64 -26.68 -0.02
CA GLY B 199 -28.80 -26.95 -1.19
C GLY B 199 -28.59 -28.43 -1.40
N GLN B 200 -27.53 -28.76 -2.14
CA GLN B 200 -27.18 -30.14 -2.45
C GLN B 200 -26.54 -30.82 -1.23
N PHE B 201 -25.82 -30.04 -0.44
CA PHE B 201 -25.02 -30.57 0.68
C PHE B 201 -25.64 -30.40 2.07
N GLY B 202 -26.95 -30.16 2.13
CA GLY B 202 -27.64 -30.00 3.40
C GLY B 202 -28.53 -28.76 3.45
N GLU B 203 -28.97 -28.40 4.66
CA GLU B 203 -29.88 -27.28 4.87
C GLU B 203 -29.34 -26.26 5.88
N VAL B 204 -29.95 -25.08 5.91
CA VAL B 204 -29.64 -24.05 6.89
C VAL B 204 -30.94 -23.61 7.52
N TRP B 205 -30.97 -23.64 8.86
CA TRP B 205 -32.14 -23.31 9.66
C TRP B 205 -31.81 -22.22 10.70
N MET B 206 -32.77 -21.33 10.94
CA MET B 206 -32.83 -20.51 12.13
C MET B 206 -33.26 -21.44 13.26
N ALA B 207 -32.57 -21.33 14.39
CA ALA B 207 -32.81 -22.26 15.48
C ALA B 207 -32.68 -21.57 16.83
N THR B 208 -33.22 -22.19 17.86
CA THR B 208 -33.04 -21.72 19.22
C THR B 208 -32.29 -22.79 20.00
N TYR B 209 -31.33 -22.36 20.81
CA TYR B 209 -30.53 -23.26 21.64
C TYR B 209 -30.94 -23.12 23.10
N ASN B 210 -31.41 -24.22 23.69
CA ASN B 210 -31.83 -24.24 25.09
C ASN B 210 -32.73 -23.06 25.45
N LYS B 211 -33.66 -22.74 24.54
CA LYS B 211 -34.70 -21.72 24.79
C LYS B 211 -34.20 -20.29 24.66
N HIS B 212 -32.92 -20.06 24.97
CA HIS B 212 -32.43 -18.71 25.22
C HIS B 212 -31.56 -18.09 24.13
N THR B 213 -31.06 -18.89 23.21
CA THR B 213 -30.14 -18.33 22.23
C THR B 213 -30.58 -18.60 20.81
N LYS B 214 -30.76 -17.54 20.04
CA LYS B 214 -31.00 -17.65 18.61
C LYS B 214 -29.69 -18.04 17.92
N VAL B 215 -29.74 -19.11 17.14
CA VAL B 215 -28.56 -19.58 16.43
C VAL B 215 -28.96 -19.97 15.02
N ALA B 216 -27.95 -20.21 14.18
CA ALA B 216 -28.16 -20.75 12.86
C ALA B 216 -27.59 -22.16 12.88
N VAL B 217 -28.30 -23.09 12.22
CA VAL B 217 -27.87 -24.48 12.10
C VAL B 217 -27.74 -24.93 10.65
N LYS B 218 -26.59 -25.48 10.32
CA LYS B 218 -26.38 -26.11 9.01
C LYS B 218 -26.32 -27.64 9.17
N THR B 219 -27.22 -28.32 8.46
CA THR B 219 -27.31 -29.79 8.50
C THR B 219 -26.41 -30.36 7.41
N MET B 220 -25.78 -31.51 7.67
CA MET B 220 -24.79 -32.03 6.73
C MET B 220 -25.18 -33.41 6.24
N LYS B 221 -25.45 -33.54 4.94
CA LYS B 221 -25.84 -34.81 4.35
C LYS B 221 -24.68 -35.81 4.41
N PRO B 222 -24.98 -37.06 4.80
CA PRO B 222 -23.95 -38.10 4.89
C PRO B 222 -23.33 -38.37 3.52
N GLY B 223 -22.01 -38.55 3.50
CA GLY B 223 -21.30 -38.84 2.27
C GLY B 223 -20.04 -39.66 2.50
N SER B 224 -19.06 -39.49 1.62
CA SER B 224 -17.73 -40.07 1.81
C SER B 224 -17.07 -39.49 3.06
N MET B 225 -17.26 -38.18 3.27
CA MET B 225 -16.83 -37.51 4.49
C MET B 225 -17.21 -38.36 5.72
N SER B 226 -16.19 -38.91 6.38
CA SER B 226 -16.39 -39.78 7.56
C SER B 226 -16.87 -38.98 8.77
N VAL B 227 -17.52 -39.67 9.71
CA VAL B 227 -18.09 -39.02 10.91
C VAL B 227 -17.01 -38.49 11.85
N GLU B 228 -15.90 -39.22 11.96
CA GLU B 228 -14.76 -38.81 12.78
C GLU B 228 -13.85 -37.82 12.04
N ALA B 229 -13.72 -38.01 10.72
CA ALA B 229 -12.86 -37.16 9.88
C ALA B 229 -13.45 -35.76 9.72
N PHE B 230 -14.78 -35.68 9.64
CA PHE B 230 -15.46 -34.38 9.58
C PHE B 230 -15.20 -33.59 10.86
N LEU B 231 -15.25 -34.30 11.99
CA LEU B 231 -15.00 -33.71 13.30
C LEU B 231 -13.58 -33.16 13.43
N ALA B 232 -12.60 -33.93 12.93
CA ALA B 232 -11.18 -33.52 12.97
C ALA B 232 -10.91 -32.17 12.30
N GLU B 233 -11.59 -31.91 11.18
CA GLU B 233 -11.46 -30.63 10.48
C GLU B 233 -12.22 -29.52 11.23
N ALA B 234 -13.48 -29.77 11.57
CA ALA B 234 -14.29 -28.82 12.34
C ALA B 234 -13.60 -28.35 13.63
N ASN B 235 -12.77 -29.22 14.20
CA ASN B 235 -12.00 -28.88 15.38
C ASN B 235 -10.86 -27.92 15.09
N VAL B 236 -10.30 -28.00 13.89
CA VAL B 236 -9.29 -27.04 13.45
C VAL B 236 -9.93 -25.68 13.23
N MET B 237 -11.09 -25.67 12.57
CA MET B 237 -11.80 -24.42 12.26
C MET B 237 -12.19 -23.69 13.53
N LYS B 238 -12.57 -24.46 14.55
CA LYS B 238 -12.83 -23.92 15.87
C LYS B 238 -11.66 -23.07 16.41
N THR B 239 -10.43 -23.44 16.08
CA THR B 239 -9.25 -22.73 16.60
C THR B 239 -8.92 -21.47 15.80
N LEU B 240 -9.50 -21.36 14.60
CA LEU B 240 -9.25 -20.22 13.72
C LEU B 240 -10.36 -19.17 13.82
N GLN B 241 -10.61 -18.70 15.04
CA GLN B 241 -11.60 -17.67 15.31
C GLN B 241 -11.07 -16.28 14.94
N HIS B 242 -11.93 -15.45 14.36
CA HIS B 242 -11.59 -14.09 14.00
C HIS B 242 -12.86 -13.27 13.88
N ASP B 243 -12.77 -11.99 14.20
CA ASP B 243 -13.92 -11.08 14.21
C ASP B 243 -14.62 -10.98 12.85
N LYS B 244 -13.91 -11.36 11.79
CA LYS B 244 -14.42 -11.23 10.44
C LYS B 244 -14.79 -12.59 9.82
N LEU B 245 -14.77 -13.66 10.63
CA LEU B 245 -15.32 -14.96 10.24
C LEU B 245 -16.48 -15.26 11.16
N VAL B 246 -17.56 -15.80 10.57
CA VAL B 246 -18.74 -16.22 11.30
C VAL B 246 -18.33 -17.07 12.52
N LYS B 247 -18.89 -16.78 13.70
CA LYS B 247 -18.63 -17.61 14.90
C LYS B 247 -19.20 -19.02 14.86
N LEU B 248 -18.30 -19.99 14.90
CA LEU B 248 -18.64 -21.40 15.06
C LEU B 248 -18.76 -21.76 16.55
N HIS B 249 -19.96 -22.15 16.98
CA HIS B 249 -20.26 -22.36 18.41
C HIS B 249 -20.23 -23.82 18.85
N ALA B 250 -20.90 -24.69 18.11
CA ALA B 250 -21.13 -26.05 18.53
C ALA B 250 -21.36 -27.01 17.37
N VAL B 251 -21.27 -28.29 17.67
CA VAL B 251 -21.44 -29.35 16.69
C VAL B 251 -22.31 -30.46 17.33
N VAL B 252 -23.22 -31.04 16.56
CA VAL B 252 -23.91 -32.29 16.95
C VAL B 252 -23.18 -33.38 16.22
N THR B 253 -22.58 -34.30 16.97
CA THR B 253 -21.73 -35.33 16.37
C THR B 253 -22.50 -36.52 15.80
N LYS B 254 -23.71 -36.76 16.31
CA LYS B 254 -24.61 -37.77 15.71
C LYS B 254 -25.03 -37.37 14.29
N GLU B 255 -24.83 -38.30 13.35
CA GLU B 255 -25.29 -38.13 11.97
C GLU B 255 -26.82 -38.11 11.92
N PRO B 256 -27.41 -37.22 11.10
CA PRO B 256 -26.77 -36.15 10.31
C PRO B 256 -26.12 -35.06 11.20
N ILE B 257 -24.87 -34.72 10.89
CA ILE B 257 -24.14 -33.64 11.59
C ILE B 257 -24.87 -32.30 11.49
N TYR B 258 -25.00 -31.60 12.61
CA TYR B 258 -25.42 -30.20 12.62
C TYR B 258 -24.22 -29.35 13.02
N ILE B 259 -23.99 -28.28 12.27
CA ILE B 259 -23.05 -27.21 12.64
C ILE B 259 -23.84 -26.00 13.15
N ILE B 260 -23.44 -25.48 14.30
CA ILE B 260 -24.14 -24.36 14.94
C ILE B 260 -23.22 -23.12 14.98
N THR B 261 -23.67 -22.03 14.35
CA THR B 261 -22.95 -20.76 14.35
C THR B 261 -23.88 -19.67 14.88
N GLU B 262 -23.32 -18.48 15.09
CA GLU B 262 -24.09 -17.29 15.40
C GLU B 262 -25.08 -17.04 14.27
N PHE B 263 -26.20 -16.39 14.60
CA PHE B 263 -27.21 -15.97 13.65
C PHE B 263 -26.87 -14.59 13.12
N MET B 264 -26.87 -14.45 11.79
CA MET B 264 -26.58 -13.19 11.11
C MET B 264 -27.85 -12.63 10.52
N ALA B 265 -28.32 -11.53 11.12
CA ALA B 265 -29.68 -11.03 10.90
C ALA B 265 -30.00 -10.65 9.47
N LYS B 266 -29.05 -10.02 8.79
CA LYS B 266 -29.32 -9.59 7.43
C LYS B 266 -29.00 -10.67 6.39
N GLY B 267 -28.59 -11.86 6.86
CA GLY B 267 -28.32 -12.98 5.96
C GLY B 267 -27.10 -12.78 5.08
N SER B 268 -27.20 -13.20 3.83
CA SER B 268 -26.05 -13.15 2.98
C SER B 268 -25.96 -11.78 2.34
N LEU B 269 -24.72 -11.44 1.98
CA LEU B 269 -24.40 -10.19 1.30
C LEU B 269 -25.10 -10.09 -0.04
N LEU B 270 -25.17 -11.23 -0.74
CA LEU B 270 -25.84 -11.27 -2.06
C LEU B 270 -27.28 -10.81 -1.94
N ASP B 271 -27.98 -11.44 -1.01
CA ASP B 271 -29.37 -11.14 -0.69
C ASP B 271 -29.60 -9.74 -0.16
N PHE B 272 -28.68 -9.27 0.70
CA PHE B 272 -28.76 -7.90 1.22
C PHE B 272 -28.55 -6.83 0.15
N LEU B 273 -27.51 -6.98 -0.68
CA LEU B 273 -27.27 -6.02 -1.77
C LEU B 273 -28.47 -5.90 -2.72
N LYS B 274 -29.20 -7.00 -2.92
CA LYS B 274 -30.38 -7.00 -3.80
C LYS B 274 -31.64 -6.44 -3.12
N SER B 275 -31.70 -6.52 -1.79
CA SER B 275 -32.85 -5.99 -1.04
C SER B 275 -32.99 -4.48 -1.22
N ASP B 276 -34.07 -3.93 -0.66
CA ASP B 276 -34.31 -2.49 -0.69
C ASP B 276 -33.26 -1.72 0.10
N GLU B 277 -32.94 -2.22 1.30
CA GLU B 277 -31.91 -1.64 2.16
C GLU B 277 -30.54 -1.58 1.47
N GLY B 278 -30.20 -2.66 0.77
CA GLY B 278 -28.88 -2.84 0.16
C GLY B 278 -28.63 -1.92 -1.01
N SER B 279 -29.70 -1.54 -1.68
CA SER B 279 -29.62 -0.69 -2.86
C SER B 279 -29.59 0.80 -2.48
N LYS B 280 -29.76 1.11 -1.20
CA LYS B 280 -29.61 2.49 -0.72
C LYS B 280 -28.21 2.77 -0.10
N GLN B 281 -27.33 1.76 -0.15
CA GLN B 281 -25.98 1.87 0.42
C GLN B 281 -25.10 2.62 -0.56
N PRO B 282 -24.52 3.76 -0.15
CA PRO B 282 -23.63 4.49 -1.05
C PRO B 282 -22.31 3.77 -1.29
N LEU B 283 -21.55 4.24 -2.27
CA LEU B 283 -20.23 3.67 -2.57
C LEU B 283 -19.27 3.54 -1.36
N PRO B 284 -19.12 4.60 -0.54
CA PRO B 284 -18.21 4.45 0.62
C PRO B 284 -18.60 3.31 1.57
N LYS B 285 -19.90 3.06 1.71
CA LYS B 285 -20.36 1.85 2.42
C LYS B 285 -19.95 0.53 1.78
N LEU B 286 -20.08 0.45 0.46
CA LEU B 286 -19.77 -0.77 -0.28
C LEU B 286 -18.26 -1.10 -0.23
N ILE B 287 -17.42 -0.07 -0.31
CA ILE B 287 -15.97 -0.24 -0.11
C ILE B 287 -15.66 -0.66 1.34
N ASP B 288 -16.39 -0.10 2.30
CA ASP B 288 -16.30 -0.53 3.70
C ASP B 288 -16.55 -2.03 3.83
N PHE B 289 -17.60 -2.55 3.20
CA PHE B 289 -17.89 -3.99 3.16
C PHE B 289 -16.73 -4.82 2.62
N SER B 290 -16.20 -4.40 1.47
CA SER B 290 -15.01 -4.98 0.85
C SER B 290 -13.82 -4.99 1.78
N ALA B 291 -13.61 -3.88 2.49
CA ALA B 291 -12.48 -3.74 3.44
C ALA B 291 -12.58 -4.76 4.58
N GLN B 292 -13.80 -4.99 5.05
CA GLN B 292 -14.07 -6.03 6.08
C GLN B 292 -13.80 -7.45 5.57
N ILE B 293 -14.19 -7.74 4.34
CA ILE B 293 -13.99 -9.07 3.78
C ILE B 293 -12.48 -9.31 3.55
N ALA B 294 -11.81 -8.30 2.95
CA ALA B 294 -10.36 -8.33 2.72
C ALA B 294 -9.63 -8.56 4.06
N GLU B 295 -10.12 -7.93 5.12
CA GLU B 295 -9.53 -8.15 6.46
C GLU B 295 -9.71 -9.59 6.97
N GLY B 296 -10.85 -10.22 6.68
CA GLY B 296 -11.04 -11.63 7.01
C GLY B 296 -10.13 -12.54 6.18
N MET B 297 -10.05 -12.26 4.87
CA MET B 297 -9.11 -12.94 3.97
C MET B 297 -7.61 -12.77 4.31
N ALA B 298 -7.23 -11.59 4.83
CA ALA B 298 -5.85 -11.37 5.27
C ALA B 298 -5.48 -12.30 6.42
N PHE B 299 -6.41 -12.48 7.37
CA PHE B 299 -6.25 -13.42 8.47
C PHE B 299 -6.05 -14.86 7.97
N ILE B 300 -6.89 -15.29 7.03
CA ILE B 300 -6.80 -16.63 6.44
C ILE B 300 -5.47 -16.79 5.70
N GLU B 301 -5.12 -15.77 4.90
CA GLU B 301 -3.82 -15.64 4.23
C GLU B 301 -2.64 -15.77 5.19
N GLN B 302 -2.71 -15.08 6.34
CA GLN B 302 -1.60 -15.06 7.28
C GLN B 302 -1.43 -16.42 7.96
N ARG B 303 -2.50 -17.20 8.01
CA ARG B 303 -2.51 -18.54 8.60
C ARG B 303 -2.15 -19.62 7.58
N ASN B 304 -1.99 -19.20 6.32
CA ASN B 304 -1.66 -20.11 5.21
C ASN B 304 -2.73 -21.17 4.97
N TYR B 305 -3.98 -20.76 5.11
CA TYR B 305 -5.12 -21.56 4.70
C TYR B 305 -5.68 -20.89 3.46
N ILE B 306 -6.65 -21.53 2.85
CA ILE B 306 -7.30 -21.05 1.64
C ILE B 306 -8.80 -21.18 1.90
N HIS B 307 -9.62 -20.35 1.26
CA HIS B 307 -11.06 -20.47 1.43
C HIS B 307 -11.59 -21.37 0.33
N ARG B 308 -11.17 -21.04 -0.89
CA ARG B 308 -11.56 -21.72 -2.14
C ARG B 308 -13.01 -21.52 -2.68
N ASP B 309 -13.91 -20.99 -1.87
CA ASP B 309 -15.26 -20.61 -2.37
C ASP B 309 -15.72 -19.18 -1.98
N LEU B 310 -14.90 -18.18 -2.30
CA LEU B 310 -15.20 -16.78 -2.01
C LEU B 310 -16.17 -16.14 -3.02
N ARG B 311 -17.28 -15.61 -2.53
CA ARG B 311 -18.27 -14.91 -3.34
C ARG B 311 -19.35 -14.36 -2.42
N ALA B 312 -20.17 -13.45 -2.92
CA ALA B 312 -21.14 -12.77 -2.08
C ALA B 312 -22.17 -13.69 -1.39
N ALA B 313 -22.48 -14.85 -2.00
CA ALA B 313 -23.33 -15.87 -1.37
C ALA B 313 -22.75 -16.40 -0.05
N ASN B 314 -21.43 -16.29 0.12
CA ASN B 314 -20.69 -16.83 1.29
C ASN B 314 -20.18 -15.78 2.28
N ILE B 315 -20.80 -14.61 2.25
CA ILE B 315 -20.53 -13.54 3.19
C ILE B 315 -21.84 -13.29 3.89
N LEU B 316 -21.81 -13.27 5.21
CA LEU B 316 -23.00 -12.99 5.98
C LEU B 316 -22.95 -11.57 6.52
N VAL B 317 -24.11 -10.94 6.65
CA VAL B 317 -24.21 -9.58 7.16
C VAL B 317 -25.03 -9.54 8.45
N SER B 318 -24.50 -8.85 9.46
CA SER B 318 -25.19 -8.67 10.72
C SER B 318 -26.21 -7.51 10.68
N ALA B 319 -26.99 -7.39 11.75
CA ALA B 319 -28.01 -6.34 11.85
C ALA B 319 -27.40 -4.94 11.72
N SER B 320 -26.20 -4.76 12.29
CA SER B 320 -25.42 -3.53 12.23
C SER B 320 -24.45 -3.46 11.05
N LEU B 321 -24.68 -4.27 10.03
CA LEU B 321 -23.86 -4.26 8.79
C LEU B 321 -22.39 -4.65 8.97
N VAL B 322 -22.12 -5.56 9.89
CA VAL B 322 -20.79 -6.17 9.94
C VAL B 322 -20.85 -7.34 8.97
N CYS B 323 -19.88 -7.41 8.07
CA CYS B 323 -19.74 -8.53 7.16
C CYS B 323 -18.79 -9.57 7.74
N LYS B 324 -19.17 -10.84 7.65
CA LYS B 324 -18.30 -11.94 8.08
C LYS B 324 -18.26 -12.97 6.98
N ILE B 325 -17.13 -13.66 6.86
CA ILE B 325 -16.95 -14.72 5.88
C ILE B 325 -17.54 -16.02 6.44
N ALA B 326 -18.39 -16.68 5.64
CA ALA B 326 -19.00 -17.96 5.98
C ALA B 326 -18.33 -19.12 5.23
N ASP B 327 -18.55 -20.34 5.72
CA ASP B 327 -18.08 -21.56 5.06
C ASP B 327 -16.57 -21.66 4.83
N PHE B 328 -15.76 -21.13 5.75
CA PHE B 328 -14.32 -21.31 5.66
C PHE B 328 -13.94 -22.68 6.19
N GLY B 329 -13.41 -23.54 5.29
CA GLY B 329 -12.94 -24.89 5.63
C GLY B 329 -14.00 -25.98 5.53
N LEU B 330 -16.10 -24.70 4.43
CA LEU B 330 -16.89 -25.89 4.05
C LEU B 330 -16.27 -26.57 2.83
N ALA B 331 -15.46 -25.80 2.10
CA ALA B 331 -14.93 -26.21 0.80
C ALA B 331 -14.08 -27.48 0.81
N ARG B 332 -13.31 -27.69 1.87
CA ARG B 332 -12.54 -28.94 2.05
C ARG B 332 -13.41 -30.15 2.38
N VAL B 333 -14.57 -29.90 3.02
CA VAL B 333 -15.53 -30.96 3.33
C VAL B 333 -16.41 -31.31 2.11
N ILE B 334 -16.87 -30.28 1.41
CA ILE B 334 -17.76 -30.41 0.26
C ILE B 334 -17.08 -29.97 -1.03
N PRO B 348 -19.66 -23.63 -8.95
CA PRO B 348 -19.57 -22.47 -9.84
C PRO B 348 -18.29 -22.44 -10.68
N ILE B 349 -18.25 -21.56 -11.68
CA ILE B 349 -17.04 -21.32 -12.46
C ILE B 349 -16.69 -19.81 -12.46
N LYS B 350 -17.72 -18.97 -12.46
CA LYS B 350 -17.57 -17.53 -12.70
C LYS B 350 -16.76 -16.76 -11.65
N TRP B 351 -16.54 -17.35 -10.47
CA TRP B 351 -15.72 -16.76 -9.41
C TRP B 351 -14.33 -17.39 -9.32
N THR B 352 -14.09 -18.40 -10.14
CA THR B 352 -12.90 -19.22 -10.01
C THR B 352 -11.82 -18.79 -11.00
N ALA B 353 -10.56 -18.93 -10.60
CA ALA B 353 -9.43 -18.54 -11.42
C ALA B 353 -9.01 -19.63 -12.43
N PRO B 354 -8.51 -19.23 -13.62
CA PRO B 354 -8.01 -20.14 -14.65
C PRO B 354 -7.14 -21.30 -14.14
N GLU B 355 -6.07 -21.03 -13.39
CA GLU B 355 -5.25 -22.11 -12.80
C GLU B 355 -6.14 -23.12 -12.10
N ALA B 356 -7.09 -22.63 -11.30
CA ALA B 356 -7.99 -23.47 -10.51
C ALA B 356 -9.03 -24.21 -11.36
N ILE B 357 -9.42 -23.60 -12.49
CA ILE B 357 -10.27 -24.28 -13.46
C ILE B 357 -9.43 -25.29 -14.24
N ASN B 358 -8.49 -24.78 -15.03
CA ASN B 358 -7.73 -25.58 -15.99
C ASN B 358 -6.81 -26.66 -15.39
N PHE B 359 -6.36 -26.42 -14.16
CA PHE B 359 -5.37 -27.30 -13.53
C PHE B 359 -5.73 -27.68 -12.10
N GLY B 360 -6.79 -27.08 -11.57
CA GLY B 360 -7.19 -27.30 -10.17
C GLY B 360 -6.20 -26.75 -9.14
N SER B 361 -5.43 -25.74 -9.53
CA SER B 361 -4.41 -25.18 -8.65
C SER B 361 -5.02 -24.13 -7.71
N PHE B 362 -5.57 -24.60 -6.60
CA PHE B 362 -6.15 -23.71 -5.60
C PHE B 362 -5.10 -23.22 -4.61
N THR B 363 -4.91 -21.89 -4.59
CA THR B 363 -3.99 -21.23 -3.68
C THR B 363 -4.64 -19.93 -3.22
N ILE B 364 -3.97 -19.24 -2.31
CA ILE B 364 -4.43 -17.93 -1.84
C ILE B 364 -4.58 -16.93 -3.00
N LYS B 365 -3.84 -17.17 -4.09
CA LYS B 365 -3.93 -16.29 -5.25
C LYS B 365 -5.18 -16.54 -6.08
N SER B 366 -5.70 -17.77 -6.05
CA SER B 366 -7.01 -18.04 -6.63
C SER B 366 -8.08 -17.27 -5.86
N ASP B 367 -7.98 -17.23 -4.53
CA ASP B 367 -8.87 -16.44 -3.67
C ASP B 367 -8.78 -14.94 -3.99
N VAL B 368 -7.59 -14.44 -4.29
CA VAL B 368 -7.46 -13.02 -4.66
C VAL B 368 -8.28 -12.77 -5.92
N TRP B 369 -8.16 -13.67 -6.90
CA TRP B 369 -8.99 -13.57 -8.11
C TRP B 369 -10.47 -13.45 -7.75
N SER B 370 -10.97 -14.41 -6.97
CA SER B 370 -12.35 -14.42 -6.48
C SER B 370 -12.80 -13.11 -5.84
N PHE B 371 -11.89 -12.49 -5.10
CA PHE B 371 -12.18 -11.25 -4.42
C PHE B 371 -12.50 -10.11 -5.40
N GLY B 372 -11.76 -10.07 -6.51
CA GLY B 372 -12.02 -9.12 -7.59
C GLY B 372 -13.43 -9.30 -8.13
N ILE B 373 -13.84 -10.55 -8.36
CA ILE B 373 -15.18 -10.81 -8.89
C ILE B 373 -16.21 -10.39 -7.83
N LEU B 374 -15.94 -10.76 -6.58
CA LEU B 374 -16.83 -10.41 -5.48
C LEU B 374 -16.96 -8.89 -5.43
N LEU B 375 -15.84 -8.18 -5.52
CA LEU B 375 -15.78 -6.70 -5.55
C LEU B 375 -16.71 -6.11 -6.63
N MET B 376 -16.67 -6.72 -7.82
CA MET B 376 -17.58 -6.39 -8.90
C MET B 376 -19.03 -6.73 -8.50
N GLU B 377 -19.25 -7.92 -7.93
CA GLU B 377 -20.55 -8.30 -7.33
C GLU B 377 -21.06 -7.20 -6.41
N ILE B 378 -20.20 -6.66 -5.54
CA ILE B 378 -20.63 -5.64 -4.58
C ILE B 378 -21.05 -4.31 -5.20
N VAL B 379 -20.20 -3.80 -6.09
CA VAL B 379 -20.38 -2.55 -6.78
C VAL B 379 -21.59 -2.53 -7.74
N THR B 380 -22.00 -3.69 -8.23
CA THR B 380 -23.20 -3.78 -9.08
C THR B 380 -24.39 -4.28 -8.27
N TYR B 381 -24.30 -4.19 -6.94
CA TYR B 381 -25.40 -4.55 -6.06
C TYR B 381 -25.89 -5.97 -6.33
N GLY B 382 -24.95 -6.91 -6.45
CA GLY B 382 -25.29 -8.32 -6.51
C GLY B 382 -25.67 -8.86 -7.88
N ARG B 383 -25.43 -8.07 -8.92
CA ARG B 383 -25.60 -8.54 -10.30
C ARG B 383 -24.63 -9.71 -10.53
N ILE B 384 -25.10 -10.70 -11.28
CA ILE B 384 -24.35 -11.85 -11.79
C ILE B 384 -23.09 -11.44 -12.57
N PRO B 385 -21.96 -12.14 -12.33
CA PRO B 385 -20.70 -11.95 -13.06
C PRO B 385 -20.77 -12.38 -14.53
N TYR B 386 -20.13 -11.61 -15.41
CA TYR B 386 -20.23 -11.81 -16.86
C TYR B 386 -21.70 -11.97 -17.28
N PRO B 387 -22.49 -10.89 -17.17
CA PRO B 387 -23.95 -10.98 -17.39
C PRO B 387 -24.35 -11.38 -18.82
N GLY B 388 -25.12 -12.46 -18.92
CA GLY B 388 -25.58 -12.96 -20.23
C GLY B 388 -24.55 -13.83 -20.94
N MET B 389 -23.47 -14.18 -20.24
CA MET B 389 -22.49 -15.14 -20.75
C MET B 389 -22.69 -16.48 -20.04
N SER B 390 -22.38 -17.57 -20.75
CA SER B 390 -22.43 -18.92 -20.19
C SER B 390 -21.06 -19.29 -19.62
N ASN B 391 -21.02 -20.37 -18.82
CA ASN B 391 -19.76 -20.85 -18.24
C ASN B 391 -18.67 -21.14 -19.30
N PRO B 392 -18.94 -22.05 -20.26
CA PRO B 392 -18.02 -22.24 -21.39
C PRO B 392 -17.57 -20.92 -22.06
N GLU B 393 -18.52 -20.05 -22.39
CA GLU B 393 -18.20 -18.75 -22.99
C GLU B 393 -17.20 -18.00 -22.14
N VAL B 394 -17.51 -17.89 -20.84
CA VAL B 394 -16.67 -17.18 -19.88
C VAL B 394 -15.27 -17.78 -19.87
N ILE B 395 -15.20 -19.11 -19.78
CA ILE B 395 -13.94 -19.85 -19.81
C ILE B 395 -13.12 -19.53 -21.06
N ARG B 396 -13.79 -19.49 -22.20
CA ARG B 396 -13.16 -19.18 -23.49
C ARG B 396 -12.71 -17.72 -23.60
N ALA B 397 -13.51 -16.80 -23.04
CA ALA B 397 -13.19 -15.38 -23.12
C ALA B 397 -12.00 -15.01 -22.26
N LEU B 398 -11.82 -15.75 -21.17
CA LEU B 398 -10.74 -15.48 -20.23
C LEU B 398 -9.36 -15.83 -20.81
N GLU B 399 -9.32 -16.85 -21.66
CA GLU B 399 -8.08 -17.23 -22.35
C GLU B 399 -7.64 -16.18 -23.36
N ARG B 400 -8.59 -15.59 -24.07
CA ARG B 400 -8.33 -14.42 -24.94
C ARG B 400 -7.71 -13.26 -24.17
N GLY B 401 -8.17 -13.05 -22.94
CA GLY B 401 -7.72 -11.94 -22.09
C GLY B 401 -8.79 -10.89 -21.77
N TYR B 402 -10.04 -11.27 -22.02
CA TYR B 402 -11.22 -10.48 -21.65
C TYR B 402 -11.40 -10.40 -20.13
N ARG B 403 -11.84 -9.24 -19.68
CA ARG B 403 -12.22 -9.01 -18.30
C ARG B 403 -13.46 -8.13 -18.36
N MET B 404 -14.40 -8.36 -17.46
CA MET B 404 -15.57 -7.49 -17.32
C MET B 404 -15.20 -6.00 -17.40
N PRO B 405 -16.02 -5.22 -18.12
CA PRO B 405 -15.75 -3.77 -18.19
C PRO B 405 -16.14 -3.07 -16.88
N ARG B 406 -15.66 -1.84 -16.72
CA ARG B 406 -15.93 -1.01 -15.57
C ARG B 406 -17.38 -0.52 -15.55
N PRO B 407 -18.13 -0.81 -14.47
CA PRO B 407 -19.51 -0.24 -14.43
C PRO B 407 -19.50 1.27 -14.15
N GLU B 408 -20.64 1.93 -14.36
CA GLU B 408 -20.66 3.41 -14.36
C GLU B 408 -20.29 4.05 -13.02
N ASN B 409 -21.00 3.65 -11.97
CA ASN B 409 -20.78 4.18 -10.60
C ASN B 409 -19.46 3.77 -9.93
N CYS B 410 -18.68 2.95 -10.64
CA CYS B 410 -17.44 2.42 -10.14
C CYS B 410 -16.27 3.37 -10.45
N PRO B 411 -15.50 3.74 -9.40
CA PRO B 411 -14.30 4.57 -9.58
C PRO B 411 -13.18 3.82 -10.30
N GLU B 412 -12.46 4.53 -11.17
CA GLU B 412 -11.34 3.94 -11.93
C GLU B 412 -10.40 3.14 -11.05
N GLU B 413 -10.01 3.73 -9.91
CA GLU B 413 -9.04 3.13 -8.95
C GLU B 413 -9.54 1.90 -8.24
N LEU B 414 -10.86 1.73 -8.12
CA LEU B 414 -11.40 0.48 -7.58
C LEU B 414 -11.29 -0.57 -8.68
N TYR B 415 -11.54 -0.12 -9.91
CA TYR B 415 -11.47 -1.01 -11.03
C TYR B 415 -10.06 -1.53 -11.20
N ASN B 416 -9.07 -0.68 -10.97
CA ASN B 416 -7.67 -1.05 -11.01
C ASN B 416 -7.31 -2.14 -10.04
N ILE B 417 -7.92 -2.12 -8.84
CA ILE B 417 -7.78 -3.19 -7.85
C ILE B 417 -8.33 -4.50 -8.40
N MET B 418 -9.57 -4.47 -8.92
CA MET B 418 -10.16 -5.63 -9.61
C MET B 418 -9.23 -6.16 -10.70
N MET B 419 -8.78 -5.28 -11.60
CA MET B 419 -7.85 -5.65 -12.66
C MET B 419 -6.58 -6.32 -12.14
N ARG B 420 -5.98 -5.77 -11.10
CA ARG B 420 -4.80 -6.41 -10.50
C ARG B 420 -5.11 -7.78 -9.88
N CYS B 421 -6.33 -7.95 -9.38
CA CYS B 421 -6.81 -9.25 -8.89
C CYS B 421 -6.92 -10.28 -10.02
N TRP B 422 -7.26 -9.79 -11.21
CA TRP B 422 -7.49 -10.64 -12.38
C TRP B 422 -6.29 -10.77 -13.36
N LYS B 423 -5.07 -10.62 -12.86
CA LYS B 423 -3.87 -10.86 -13.66
C LYS B 423 -3.77 -12.36 -13.96
N ASN B 424 -3.36 -12.70 -15.20
CA ASN B 424 -3.23 -14.09 -15.63
C ASN B 424 -2.29 -14.87 -14.69
N ARG B 425 -1.13 -14.28 -14.42
CA ARG B 425 -0.12 -14.90 -13.57
C ARG B 425 -0.43 -14.66 -12.09
N PRO B 426 -0.68 -15.76 -11.33
CA PRO B 426 -1.06 -15.69 -9.91
C PRO B 426 -0.06 -14.92 -9.06
N GLU B 427 1.22 -15.07 -9.37
CA GLU B 427 2.30 -14.38 -8.65
C GLU B 427 2.22 -12.86 -8.67
N GLU B 428 1.59 -12.31 -9.71
CA GLU B 428 1.48 -10.84 -9.86
C GLU B 428 0.26 -10.25 -9.14
N ARG B 429 -0.61 -11.13 -8.65
CA ARG B 429 -1.79 -10.72 -7.89
C ARG B 429 -1.38 -10.21 -6.49
N PRO B 430 -1.98 -9.10 -6.04
CA PRO B 430 -1.66 -8.55 -4.72
C PRO B 430 -2.03 -9.47 -3.54
N THR B 431 -1.47 -9.18 -2.36
CA THR B 431 -1.87 -9.87 -1.15
C THR B 431 -3.15 -9.25 -0.60
N PHE B 432 -3.85 -10.01 0.24
CA PHE B 432 -5.01 -9.51 0.95
C PHE B 432 -4.60 -8.44 1.99
N GLU B 433 -3.42 -8.59 2.59
CA GLU B 433 -2.87 -7.59 3.53
C GLU B 433 -2.76 -6.22 2.84
N TYR B 434 -2.23 -6.23 1.63
CA TYR B 434 -2.24 -5.06 0.78
C TYR B 434 -3.64 -4.56 0.35
N ILE B 435 -4.50 -5.46 -0.14
CA ILE B 435 -5.81 -5.03 -0.57
C ILE B 435 -6.57 -4.36 0.58
N GLN B 436 -6.48 -4.94 1.77
CA GLN B 436 -7.21 -4.41 2.91
C GLN B 436 -6.78 -2.96 3.22
N SER B 437 -5.47 -2.73 3.21
CA SER B 437 -4.90 -1.42 3.48
C SER B 437 -5.33 -0.39 2.43
N VAL B 438 -5.41 -0.79 1.17
CA VAL B 438 -5.87 0.13 0.14
C VAL B 438 -7.36 0.46 0.33
N LEU B 439 -8.17 -0.58 0.60
CA LEU B 439 -9.60 -0.38 0.79
C LEU B 439 -9.92 0.44 2.04
N ASP B 440 -9.28 0.10 3.15
CA ASP B 440 -9.45 0.84 4.42
C ASP B 440 -9.25 2.34 4.26
N ASP B 441 -8.24 2.76 3.53
CA ASP B 441 -7.89 4.18 3.49
C ASP B 441 -8.15 4.77 2.11
N PHE B 442 -9.05 4.13 1.37
CA PHE B 442 -9.39 4.49 -0.01
C PHE B 442 -9.61 6.00 -0.22
N TYR B 443 -10.18 6.68 0.79
CA TYR B 443 -10.55 8.10 0.68
C TYR B 443 -9.67 9.04 1.50
N THR B 444 -8.65 8.48 2.14
CA THR B 444 -7.73 9.21 3.04
C THR B 444 -6.25 9.18 2.56
N ALA B 445 -5.68 10.36 2.30
CA ALA B 445 -4.27 10.48 1.91
C ALA B 445 -3.50 10.04 3.12
N THR B 446 -2.48 9.21 2.95
CA THR B 446 -1.61 8.78 4.08
C THR B 446 -1.19 9.91 5.05
N GLU B 447 -0.84 11.06 4.50
CA GLU B 447 -0.42 12.19 5.36
C GLU B 447 -1.56 12.75 6.23
N SER B 448 -2.80 12.40 5.87
CA SER B 448 -3.98 12.90 6.56
C SER B 448 -4.57 11.95 7.58
N GLN B 449 -3.94 10.80 7.82
CA GLN B 449 -4.45 9.80 8.74
C GLN B 449 -4.57 10.31 10.17
N PTR B 450 -3.48 10.94 10.65
CA PTR B 450 -3.39 11.62 11.94
C PTR B 450 -3.25 13.13 11.73
O PTR B 450 -2.59 13.59 10.76
CB PTR B 450 -2.24 11.04 12.82
CG PTR B 450 -2.62 9.68 13.37
CD1 PTR B 450 -3.35 9.58 14.55
CD2 PTR B 450 -2.39 8.52 12.63
CE1 PTR B 450 -3.77 8.35 15.02
CE2 PTR B 450 -2.81 7.28 13.10
CZ PTR B 450 -3.48 7.19 14.31
OH PTR B 450 -3.93 6.09 14.73
P PTR B 450 -3.22 5.01 15.63
O1P PTR B 450 -2.22 4.27 14.84
O2P PTR B 450 -4.30 4.02 16.13
O3P PTR B 450 -2.54 5.76 16.78
N GLU B 451 -3.92 13.88 12.61
CA GLU B 451 -3.80 15.35 12.62
C GLU B 451 -2.48 15.81 13.22
N GLU B 452 -1.99 16.93 12.71
CA GLU B 452 -0.80 17.65 13.16
C GLU B 452 -1.21 18.69 14.22
N ILE B 453 -0.64 18.66 15.42
CA ILE B 453 -0.97 19.73 16.40
C ILE B 453 0.16 20.30 17.29
N PRO B 454 0.58 21.56 17.00
CA PRO B 454 1.68 22.27 17.68
C PRO B 454 1.43 22.55 19.17
C1 L3G C . 30.41 9.76 -7.76
C2 L3G C . 29.98 10.81 -8.58
C3 L3G C . 30.45 8.27 -8.02
N1 L3G C . 30.80 10.30 -6.58
C4 L3G C . 30.12 12.01 -7.87
C5 L3G C . 29.44 10.90 -9.85
C6 L3G C . 31.17 7.85 -9.13
C7 L3G C . 29.82 7.33 -7.15
N2 L3G C . 30.65 11.72 -6.70
N3 L3G C . 29.81 13.23 -8.38
N4 L3G C . 29.09 12.11 -10.32
N5 L3G C . 29.18 9.82 -10.64
C8 L3G C . 31.30 6.48 -9.39
C9 L3G C . 29.92 5.94 -7.45
C11 L3G C . 29.28 13.25 -9.61
C12 L3G C . 30.64 5.55 -8.60
O1 L3G C . 31.97 6.03 -10.50
C13 L3G C . 32.44 15.57 -0.34
C14 L3G C . 33.45 13.62 0.58
N6 L3G C . 30.82 4.19 -8.90
C15 L3G C . 32.63 6.94 -11.39
C16 L3G C . 32.28 14.96 -1.75
C17 L3G C . 33.39 12.86 -0.77
C18 L3G C . 29.85 3.28 -8.86
C19 L3G C . 32.25 13.44 -1.64
C20 L3G C . 30.26 1.87 -9.11
O2 L3G C . 28.67 3.57 -8.66
N7 L3G C . 31.96 12.79 -2.92
N8 L3G C . 29.48 0.91 -9.62
C21 L3G C . 31.52 1.37 -8.80
C22 L3G C . 32.87 13.14 -4.01
C23 L3G C . 30.50 12.89 -3.10
C24 L3G C . 30.14 -0.26 -9.68
C25 L3G C . 28.05 1.07 -10.04
C26 L3G C . 31.40 0.00 -9.19
C27 L3G C . 32.46 12.33 -5.22
C28 L3G C . 30.03 12.25 -4.44
C29 L3G C . 29.79 -1.55 -10.14
C30 L3G C . 32.36 -1.02 -9.13
C10 L3G C . 31.01 12.57 -5.57
C31 L3G C . 30.73 -2.56 -10.07
C32 L3G C . 32.02 -2.31 -9.57
O3 L3G C . 33.59 15.02 0.30
CA CA D . -10.74 8.83 -8.87
CA CA E . 30.53 5.30 -1.59
C1 L3G F . -25.86 -19.00 7.32
C2 L3G F . -26.47 -18.05 8.16
C3 L3G F . -24.70 -19.95 7.55
N1 L3G F . -26.54 -18.98 6.15
C4 L3G F . -27.52 -17.47 7.45
C5 L3G F . -26.26 -17.58 9.45
C6 L3G F . -24.78 -20.86 8.61
C7 L3G F . -23.60 -20.00 6.68
N2 L3G F . -27.56 -18.05 6.29
N3 L3G F . -28.32 -16.52 7.99
N4 L3G F . -27.06 -16.62 9.94
N5 L3G F . -25.24 -18.01 10.24
C8 L3G F . -23.76 -21.80 8.82
C9 L3G F . -22.58 -20.92 6.90
C11 L3G F . -28.08 -16.10 9.24
C12 L3G F . -22.64 -21.81 7.99
O1 L3G F . -23.81 -22.69 9.88
C13 L3G F . -32.14 -17.66 -0.13
C14 L3G F . -30.44 -19.15 -0.92
N6 L3G F . -21.62 -22.77 8.18
C15 L3G F . -24.94 -22.74 10.74
C16 L3G F . -31.65 -17.79 1.32
C17 L3G F . -29.89 -19.34 0.51
C18 L3G F . -20.33 -22.50 8.20
C19 L3G F . -30.15 -18.06 1.29
C20 L3G F . -19.41 -23.66 8.36
O2 L3G F . -19.90 -21.35 8.12
N7 L3G F . -29.52 -18.11 2.61
N8 L3G F . -18.11 -23.61 8.77
C21 L3G F . -19.79 -24.98 8.09
C22 L3G F . -30.30 -18.67 3.72
C23 L3G F . -28.73 -16.89 2.84
C24 L3G F . -17.58 -24.86 8.78
C25 L3G F . -17.35 -22.38 9.15
C26 L3G F . -18.59 -25.70 8.36
C27 L3G F . -29.24 -19.08 4.73
C28 L3G F . -27.75 -17.16 3.99
C29 L3G F . -16.32 -25.38 9.11
C30 L3G F . -18.36 -27.08 8.27
C10 L3G F . -28.47 -17.83 5.15
C31 L3G F . -16.09 -26.75 9.03
C32 L3G F . -17.11 -27.60 8.61
O3 L3G F . -31.84 -18.85 -0.88
CA CA G . -0.63 13.59 9.40
CA CA H . -22.33 -21.63 1.16
#